data_1F8V
#
_entry.id   1F8V
#
_cell.length_a   329.332
_cell.length_b   346.944
_cell.length_c   424.893
_cell.angle_alpha   90.00
_cell.angle_beta   90.83
_cell.angle_gamma   90.00
#
_symmetry.space_group_name_H-M   'P 1 21 1'
#
loop_
_entity.id
_entity.type
_entity.pdbx_description
1 polymer RNA
2 polymer 'MATURE CAPSID PROTEIN BETA'
3 polymer 'MATURE CAPSID PROTEIN GAMMA'
4 non-polymer 'CALCIUM ION'
5 non-polymer 'SULFATE ION'
6 water water
#
loop_
_entity_poly.entity_id
_entity_poly.type
_entity_poly.pdbx_seq_one_letter_code
_entity_poly.pdbx_strand_id
1 'polyribonucleotide' UUUUUUUUUUUUUAAAAUUUUUUUU R
2 'polypeptide(L)'
;NRRNKARKVVSRSTALVPMAPASQRTGPAPRKPRKRNQALVRNPRLTDAGLAFLKCAFAAPDFSVDPGKGIPDNFHGRTL
AIKDCNTTSVVFTPNTDTYIVVAPVPGFAYFRAEVAVGAQPTTFVGVPYPTYATNFGAGSQNGLPAVNNYSKFRYASMAC
GLYPTSNMMQFSGSVQVWRVDLNLSEAVNPAVTAITPAPGVFANFVDKRINGLRGIRPLAPRDNYSGNFIDGAYTFAFDK
STDFEWCDFVRSLEFSESNVLGAATAMKLLAPGGGTDTTLTGLGNVNTLVYKISTPTGAVNTAILRTWNCIELQPYTDSA
LFQFSGVSPPFDPLALECYHNLKMRFPVAVSSREN
;
A,B,C
3 'polypeptide(L)' SKFWEGVLRVLNQISGTLSVIPGPVGTISAGVHQLTGMYM D,E,F
#
loop_
_chem_comp.id
_chem_comp.type
_chem_comp.name
_chem_comp.formula
A RNA linking ADENOSINE-5'-MONOPHOSPHATE 'C10 H14 N5 O7 P'
CA non-polymer 'CALCIUM ION' 'Ca 2'
SO4 non-polymer 'SULFATE ION' 'O4 S -2'
U RNA linking URIDINE-5'-MONOPHOSPHATE 'C9 H13 N2 O9 P'
#
# COMPACT_ATOMS: atom_id res chain seq x y z
N ASN B 1 37.82 -18.87 16.40
CA ASN B 1 37.40 -19.44 17.72
C ASN B 1 36.68 -18.41 18.60
N ARG B 2 36.34 -17.25 18.02
CA ARG B 2 35.67 -16.21 18.80
C ARG B 2 34.23 -15.91 18.43
N ARG B 3 33.51 -15.41 19.43
CA ARG B 3 32.09 -15.10 19.34
C ARG B 3 31.66 -13.90 18.50
N ASN B 4 31.61 -12.74 19.15
CA ASN B 4 31.18 -11.49 18.56
C ASN B 4 32.23 -10.80 17.69
N LYS B 5 33.02 -11.57 16.95
CA LYS B 5 34.06 -10.97 16.12
C LYS B 5 33.54 -10.43 14.79
N ALA B 6 34.16 -9.35 14.31
CA ALA B 6 33.76 -8.72 13.05
C ALA B 6 34.14 -9.63 11.90
N ARG B 7 33.34 -9.62 10.84
CA ARG B 7 33.60 -10.47 9.68
C ARG B 7 34.44 -9.81 8.60
N LYS B 8 35.51 -10.48 8.21
CA LYS B 8 36.40 -9.98 7.17
C LYS B 8 35.85 -10.43 5.82
N VAL B 9 36.18 -9.70 4.75
CA VAL B 9 35.73 -10.09 3.41
C VAL B 9 36.90 -10.11 2.41
N VAL B 10 37.34 -11.34 2.11
CA VAL B 10 38.43 -11.68 1.21
C VAL B 10 39.01 -10.61 0.28
N SER B 11 40.32 -10.38 0.42
CA SER B 11 41.02 -9.41 -0.43
C SER B 11 41.45 -10.21 -1.64
N ARG B 12 41.41 -9.58 -2.81
CA ARG B 12 41.83 -10.23 -4.04
C ARG B 12 43.22 -10.82 -3.79
N SER B 13 44.27 -10.11 -4.21
CA SER B 13 45.66 -10.54 -3.98
C SER B 13 45.96 -10.10 -2.55
N THR B 14 46.27 -11.04 -1.69
CA THR B 14 46.54 -10.68 -0.31
C THR B 14 47.89 -9.95 -0.18
N ALA B 15 48.68 -9.95 -1.25
CA ALA B 15 49.99 -9.31 -1.26
C ALA B 15 50.00 -7.95 -1.97
N LEU B 16 49.08 -7.77 -2.91
CA LEU B 16 48.99 -6.55 -3.70
C LEU B 16 47.91 -5.54 -3.28
N VAL B 17 47.07 -5.93 -2.32
CA VAL B 17 46.01 -5.04 -1.87
C VAL B 17 46.06 -4.87 -0.35
N PRO B 18 46.12 -3.62 0.13
CA PRO B 18 46.15 -3.37 1.58
C PRO B 18 44.89 -3.94 2.23
N MET B 19 44.98 -4.34 3.50
CA MET B 19 43.82 -4.91 4.17
C MET B 19 42.73 -3.89 4.49
N ALA B 20 41.49 -4.29 4.25
CA ALA B 20 40.34 -3.45 4.52
C ALA B 20 39.80 -3.83 5.90
N PRO B 21 39.05 -2.91 6.54
CA PRO B 21 38.48 -3.21 7.87
C PRO B 21 37.34 -4.22 7.85
N ALA B 22 37.35 -5.15 8.81
CA ALA B 22 36.31 -6.17 8.91
C ALA B 22 34.96 -5.50 9.19
N SER B 23 33.90 -6.08 8.65
CA SER B 23 32.53 -5.57 8.78
C SER B 23 31.91 -5.72 10.15
N GLN B 24 31.18 -4.69 10.57
CA GLN B 24 30.50 -4.69 11.86
C GLN B 24 29.00 -4.44 11.66
N ARG B 25 28.24 -4.44 12.74
CA ARG B 25 26.80 -4.21 12.61
C ARG B 25 26.18 -3.43 13.74
N THR B 26 24.96 -2.96 13.47
CA THR B 26 24.17 -2.21 14.44
C THR B 26 23.04 -3.13 14.89
N GLY B 27 22.90 -3.24 16.21
CA GLY B 27 21.87 -4.10 16.75
C GLY B 27 22.27 -5.56 16.65
N PRO B 28 21.65 -6.43 17.45
CA PRO B 28 22.01 -7.86 17.41
C PRO B 28 21.66 -8.46 16.07
N ALA B 29 22.34 -9.56 15.74
CA ALA B 29 22.12 -10.26 14.48
C ALA B 29 20.88 -11.15 14.61
N PRO B 30 20.37 -11.65 13.47
CA PRO B 30 19.18 -12.51 13.52
C PRO B 30 19.46 -13.75 14.38
N ARG B 31 18.47 -14.17 15.15
CA ARG B 31 18.61 -15.33 16.02
C ARG B 31 18.94 -16.60 15.26
N LYS B 32 19.61 -17.53 15.92
CA LYS B 32 19.98 -18.80 15.30
C LYS B 32 18.71 -19.48 14.84
N PRO B 33 18.75 -20.11 13.64
CA PRO B 33 17.59 -20.81 13.06
C PRO B 33 16.72 -21.58 14.07
N ARG B 34 15.41 -21.53 13.85
CA ARG B 34 14.45 -22.22 14.71
C ARG B 34 14.53 -23.72 14.47
N LYS B 35 14.37 -24.49 15.55
CA LYS B 35 14.42 -25.95 15.48
C LYS B 35 13.15 -26.51 14.83
N ARG B 36 13.27 -27.71 14.26
CA ARG B 36 12.12 -28.36 13.60
C ARG B 36 11.13 -29.00 14.58
N ASN B 37 11.37 -28.82 15.88
CA ASN B 37 10.49 -29.36 16.92
C ASN B 37 9.28 -28.44 17.13
N GLN B 38 9.43 -27.17 16.74
CA GLN B 38 8.37 -26.17 16.86
C GLN B 38 7.31 -26.44 15.79
N ALA B 39 6.79 -27.68 15.81
CA ALA B 39 5.79 -28.13 14.86
C ALA B 39 4.41 -27.56 15.13
N LEU B 40 3.96 -26.67 14.25
CA LEU B 40 2.64 -26.09 14.35
C LEU B 40 1.80 -26.82 13.33
N VAL B 41 0.84 -27.62 13.79
CA VAL B 41 0.01 -28.40 12.89
C VAL B 41 -1.29 -27.69 12.49
N ARG B 42 -1.72 -27.92 11.25
CA ARG B 42 -2.93 -27.29 10.77
C ARG B 42 -3.99 -28.29 10.32
N ASN B 43 -5.24 -27.97 10.62
CA ASN B 43 -6.37 -28.81 10.25
C ASN B 43 -7.04 -28.22 9.01
N PRO B 44 -6.97 -28.94 7.89
CA PRO B 44 -7.59 -28.43 6.66
C PRO B 44 -9.11 -28.57 6.69
N ARG B 45 -9.78 -27.53 7.18
CA ARG B 45 -11.24 -27.51 7.26
C ARG B 45 -11.78 -26.25 6.60
N LEU B 46 -12.78 -26.39 5.74
CA LEU B 46 -13.35 -25.22 5.11
C LEU B 46 -14.45 -24.68 6.01
N THR B 47 -14.40 -23.39 6.34
CA THR B 47 -15.44 -22.83 7.20
C THR B 47 -16.68 -22.50 6.38
N ASP B 48 -17.80 -22.34 7.06
CA ASP B 48 -19.06 -22.02 6.40
C ASP B 48 -18.98 -20.73 5.59
N ALA B 49 -18.46 -19.68 6.21
CA ALA B 49 -18.32 -18.38 5.54
C ALA B 49 -17.30 -18.46 4.41
N GLY B 50 -16.29 -19.30 4.59
CA GLY B 50 -15.28 -19.45 3.57
C GLY B 50 -15.90 -20.05 2.33
N LEU B 51 -16.84 -20.96 2.56
CA LEU B 51 -17.54 -21.61 1.47
C LEU B 51 -18.45 -20.60 0.77
N ALA B 52 -19.16 -19.80 1.55
CA ALA B 52 -20.04 -18.77 1.01
C ALA B 52 -19.22 -17.78 0.20
N PHE B 53 -18.03 -17.46 0.71
CA PHE B 53 -17.13 -16.51 0.07
C PHE B 53 -16.79 -17.03 -1.32
N LEU B 54 -16.61 -18.34 -1.43
CA LEU B 54 -16.28 -18.95 -2.69
C LEU B 54 -17.45 -18.92 -3.67
N LYS B 55 -18.66 -19.17 -3.16
CA LYS B 55 -19.86 -19.14 -4.00
C LYS B 55 -20.07 -17.74 -4.55
N CYS B 56 -20.07 -16.77 -3.65
CA CYS B 56 -20.25 -15.38 -4.03
C CYS B 56 -19.22 -14.96 -5.08
N ALA B 57 -17.98 -15.41 -4.91
CA ALA B 57 -16.92 -15.04 -5.85
C ALA B 57 -17.13 -15.56 -7.26
N PHE B 58 -17.32 -16.88 -7.39
CA PHE B 58 -17.47 -17.48 -8.70
C PHE B 58 -18.86 -17.75 -9.25
N ALA B 59 -19.74 -18.34 -8.43
CA ALA B 59 -21.09 -18.65 -8.88
C ALA B 59 -22.13 -17.66 -8.36
N ALA B 60 -21.87 -16.38 -8.57
CA ALA B 60 -22.76 -15.31 -8.12
C ALA B 60 -24.27 -15.52 -8.36
N PRO B 61 -24.66 -15.95 -9.58
CA PRO B 61 -26.09 -16.15 -9.85
C PRO B 61 -26.72 -17.51 -9.54
N ASP B 62 -25.99 -18.43 -8.92
CA ASP B 62 -26.51 -19.76 -8.68
C ASP B 62 -27.30 -20.11 -7.42
N PHE B 63 -27.64 -19.12 -6.59
CA PHE B 63 -28.37 -19.45 -5.36
C PHE B 63 -29.66 -18.69 -5.10
N SER B 64 -30.39 -19.13 -4.08
CA SER B 64 -31.66 -18.51 -3.73
C SER B 64 -31.50 -17.10 -3.18
N VAL B 65 -30.43 -16.87 -2.43
CA VAL B 65 -30.13 -15.57 -1.83
C VAL B 65 -28.61 -15.42 -1.85
N ASP B 66 -28.10 -14.24 -2.16
CA ASP B 66 -26.66 -14.06 -2.20
C ASP B 66 -25.99 -14.54 -0.92
N PRO B 67 -25.16 -15.59 -1.03
CA PRO B 67 -24.44 -16.20 0.08
C PRO B 67 -23.28 -15.40 0.66
N GLY B 68 -22.69 -14.52 -0.17
CA GLY B 68 -21.56 -13.73 0.28
C GLY B 68 -21.69 -13.12 1.66
N LYS B 69 -20.58 -13.09 2.40
CA LYS B 69 -20.55 -12.51 3.74
C LYS B 69 -19.28 -11.68 3.92
N GLY B 70 -18.37 -11.77 2.96
CA GLY B 70 -17.12 -11.03 3.04
C GLY B 70 -15.90 -11.92 2.85
N ILE B 71 -14.71 -11.36 2.99
CA ILE B 71 -13.49 -12.13 2.82
C ILE B 71 -13.11 -12.72 4.19
N PRO B 72 -12.92 -14.05 4.25
CA PRO B 72 -12.56 -14.76 5.48
C PRO B 72 -11.07 -14.74 5.77
N ASP B 73 -10.52 -13.56 5.96
CA ASP B 73 -9.10 -13.48 6.26
C ASP B 73 -8.93 -12.91 7.67
N ASN B 74 -7.71 -12.48 7.98
CA ASN B 74 -7.42 -11.97 9.30
C ASN B 74 -7.92 -10.56 9.61
N PHE B 75 -8.73 -9.99 8.73
CA PHE B 75 -9.25 -8.66 9.00
C PHE B 75 -10.10 -8.74 10.27
N HIS B 76 -10.95 -9.76 10.35
CA HIS B 76 -11.81 -10.01 11.51
C HIS B 76 -12.19 -8.73 12.23
N GLY B 77 -12.95 -7.87 11.54
CA GLY B 77 -13.33 -6.60 12.14
C GLY B 77 -14.72 -6.14 11.78
N ARG B 78 -15.05 -4.91 12.17
CA ARG B 78 -16.36 -4.34 11.90
C ARG B 78 -16.47 -3.86 10.46
N THR B 79 -17.38 -4.47 9.71
CA THR B 79 -17.59 -4.10 8.33
C THR B 79 -19.06 -4.01 7.99
N LEU B 80 -19.32 -3.51 6.78
CA LEU B 80 -20.66 -3.40 6.24
C LEU B 80 -20.41 -4.05 4.89
N ALA B 81 -21.14 -5.12 4.60
CA ALA B 81 -20.95 -5.83 3.33
C ALA B 81 -22.09 -5.58 2.36
N ILE B 82 -21.74 -5.03 1.22
CA ILE B 82 -22.73 -4.78 0.19
C ILE B 82 -22.79 -5.98 -0.73
N LYS B 83 -23.96 -6.61 -0.82
CA LYS B 83 -24.15 -7.74 -1.71
C LYS B 83 -25.26 -7.27 -2.64
N ASP B 84 -24.90 -6.82 -3.83
CA ASP B 84 -25.90 -6.32 -4.75
C ASP B 84 -25.68 -6.66 -6.22
N CYS B 85 -26.75 -6.51 -7.00
CA CYS B 85 -26.71 -6.77 -8.42
C CYS B 85 -27.63 -5.82 -9.16
N ASN B 86 -27.07 -5.12 -10.13
CA ASN B 86 -27.81 -4.19 -10.95
C ASN B 86 -28.32 -4.90 -12.21
N THR B 87 -29.62 -5.18 -12.23
CA THR B 87 -30.27 -5.88 -13.35
C THR B 87 -31.12 -4.89 -14.15
N THR B 88 -30.71 -4.62 -15.39
CA THR B 88 -31.41 -3.66 -16.24
C THR B 88 -31.51 -4.08 -17.70
N SER B 89 -32.50 -3.53 -18.40
CA SER B 89 -32.71 -3.85 -19.80
C SER B 89 -31.99 -2.84 -20.69
N VAL B 90 -31.31 -3.35 -21.71
CA VAL B 90 -30.57 -2.47 -22.61
C VAL B 90 -30.80 -2.78 -24.08
N VAL B 91 -30.40 -1.83 -24.92
CA VAL B 91 -30.52 -1.99 -26.36
C VAL B 91 -29.23 -1.54 -26.99
N PHE B 92 -28.77 -2.28 -27.98
CA PHE B 92 -27.54 -1.92 -28.63
C PHE B 92 -27.85 -1.26 -29.95
N THR B 93 -27.31 -0.06 -30.11
CA THR B 93 -27.50 0.73 -31.30
C THR B 93 -27.05 0.03 -32.56
N PRO B 94 -27.94 -0.08 -33.54
CA PRO B 94 -27.59 -0.74 -34.80
C PRO B 94 -26.37 -0.10 -35.43
N ASN B 95 -25.55 -0.94 -36.04
CA ASN B 95 -24.34 -0.49 -36.69
C ASN B 95 -23.37 0.21 -35.74
N THR B 96 -23.05 -0.44 -34.63
CA THR B 96 -22.12 0.11 -33.66
C THR B 96 -21.44 -1.01 -32.89
N ASP B 97 -20.35 -0.63 -32.23
CA ASP B 97 -19.61 -1.54 -31.38
C ASP B 97 -19.87 -0.89 -30.03
N THR B 98 -20.54 -1.61 -29.13
CA THR B 98 -20.82 -1.06 -27.82
C THR B 98 -19.93 -1.73 -26.78
N TYR B 99 -19.35 -0.92 -25.89
CA TYR B 99 -18.49 -1.45 -24.84
C TYR B 99 -19.12 -1.24 -23.48
N ILE B 100 -19.36 -2.36 -22.79
CA ILE B 100 -19.90 -2.30 -21.43
C ILE B 100 -18.71 -2.67 -20.57
N VAL B 101 -18.18 -1.70 -19.84
CA VAL B 101 -17.03 -1.94 -19.00
C VAL B 101 -17.41 -1.99 -17.53
N VAL B 102 -17.21 -3.16 -16.92
CA VAL B 102 -17.52 -3.35 -15.51
C VAL B 102 -16.24 -3.24 -14.70
N ALA B 103 -16.01 -2.06 -14.13
CA ALA B 103 -14.82 -1.79 -13.33
C ALA B 103 -15.23 -1.63 -11.87
N PRO B 104 -14.31 -1.95 -10.93
CA PRO B 104 -14.58 -1.84 -9.50
C PRO B 104 -14.62 -0.42 -8.93
N VAL B 105 -15.56 0.39 -9.41
CA VAL B 105 -15.71 1.74 -8.89
C VAL B 105 -16.97 1.69 -8.05
N PRO B 106 -16.83 1.74 -6.72
CA PRO B 106 -17.99 1.70 -5.82
C PRO B 106 -19.10 2.66 -6.22
N GLY B 107 -20.32 2.15 -6.29
CA GLY B 107 -21.44 3.00 -6.65
C GLY B 107 -21.86 2.90 -8.10
N PHE B 108 -21.00 2.36 -8.95
CA PHE B 108 -21.32 2.25 -10.37
C PHE B 108 -21.51 0.83 -10.86
N ALA B 109 -22.56 0.62 -11.67
CA ALA B 109 -22.83 -0.70 -12.21
C ALA B 109 -21.90 -0.99 -13.38
N TYR B 110 -21.68 -0.02 -14.25
CA TYR B 110 -20.77 -0.19 -15.40
C TYR B 110 -20.57 1.12 -16.13
N PHE B 111 -19.71 1.08 -17.15
CA PHE B 111 -19.40 2.25 -17.94
C PHE B 111 -19.65 1.91 -19.40
N ARG B 112 -20.36 2.79 -20.10
CA ARG B 112 -20.70 2.53 -21.49
C ARG B 112 -20.07 3.45 -22.50
N ALA B 113 -19.89 2.92 -23.70
CA ALA B 113 -19.32 3.65 -24.82
C ALA B 113 -19.85 3.00 -26.10
N GLU B 114 -20.24 3.85 -27.04
CA GLU B 114 -20.78 3.42 -28.32
C GLU B 114 -19.85 3.95 -29.40
N VAL B 115 -19.60 3.15 -30.42
CA VAL B 115 -18.67 3.59 -31.43
C VAL B 115 -18.98 2.93 -32.77
N ALA B 116 -18.43 3.48 -33.84
CA ALA B 116 -18.65 2.92 -35.17
C ALA B 116 -18.06 1.53 -35.15
N VAL B 117 -18.73 0.58 -35.78
CA VAL B 117 -18.19 -0.78 -35.80
C VAL B 117 -16.75 -0.78 -36.32
N GLY B 118 -15.81 -1.23 -35.48
CA GLY B 118 -14.42 -1.26 -35.90
C GLY B 118 -13.62 -0.11 -35.33
N ALA B 119 -14.32 0.92 -34.88
CA ALA B 119 -13.68 2.11 -34.31
C ALA B 119 -13.14 1.92 -32.90
N GLN B 120 -12.36 2.90 -32.44
CA GLN B 120 -11.76 2.88 -31.12
C GLN B 120 -12.52 3.73 -30.11
N PRO B 121 -13.05 3.10 -29.05
CA PRO B 121 -13.79 3.83 -28.01
C PRO B 121 -12.84 4.72 -27.21
N THR B 122 -13.35 5.80 -26.62
CA THR B 122 -12.50 6.68 -25.85
C THR B 122 -13.04 6.95 -24.46
N THR B 123 -14.27 7.45 -24.41
CA THR B 123 -14.87 7.74 -23.13
C THR B 123 -16.01 6.81 -22.79
N PHE B 124 -15.92 6.23 -21.59
CA PHE B 124 -16.95 5.32 -21.10
C PHE B 124 -17.64 6.03 -19.95
N VAL B 125 -18.94 6.24 -20.09
CA VAL B 125 -19.71 6.93 -19.08
C VAL B 125 -20.37 5.99 -18.09
N GLY B 126 -20.22 6.31 -16.81
CA GLY B 126 -20.78 5.49 -15.77
C GLY B 126 -22.28 5.49 -15.61
N VAL B 127 -22.80 4.32 -15.23
CA VAL B 127 -24.22 4.11 -14.97
C VAL B 127 -24.19 3.66 -13.51
N PRO B 128 -24.69 4.51 -12.60
CA PRO B 128 -24.69 4.17 -11.18
C PRO B 128 -25.78 3.26 -10.67
N TYR B 129 -25.53 2.66 -9.52
CA TYR B 129 -26.51 1.80 -8.86
C TYR B 129 -27.46 2.80 -8.22
N PRO B 130 -28.75 2.47 -8.13
CA PRO B 130 -29.73 3.37 -7.51
C PRO B 130 -29.38 3.64 -6.04
N THR B 131 -28.53 2.80 -5.48
CA THR B 131 -28.13 2.93 -4.08
C THR B 131 -26.99 3.94 -3.87
N TYR B 132 -26.43 4.45 -4.95
CA TYR B 132 -25.31 5.38 -4.85
C TYR B 132 -25.49 6.43 -3.75
N ALA B 133 -26.55 7.23 -3.85
CA ALA B 133 -26.79 8.27 -2.87
C ALA B 133 -26.80 7.73 -1.45
N THR B 134 -27.52 6.62 -1.25
CA THR B 134 -27.61 5.99 0.07
C THR B 134 -26.24 5.68 0.64
N ASN B 135 -25.33 5.24 -0.22
CA ASN B 135 -23.99 4.86 0.22
C ASN B 135 -22.98 5.98 0.28
N PHE B 136 -22.92 6.78 -0.78
CA PHE B 136 -21.91 7.84 -0.85
C PHE B 136 -22.34 9.29 -0.79
N GLY B 137 -23.63 9.52 -0.53
CA GLY B 137 -24.10 10.88 -0.42
C GLY B 137 -24.77 11.45 -1.64
N ALA B 138 -25.50 12.54 -1.44
CA ALA B 138 -26.21 13.22 -2.50
C ALA B 138 -25.79 14.69 -2.60
N GLY B 139 -26.30 15.37 -3.63
CA GLY B 139 -25.95 16.77 -3.80
C GLY B 139 -24.59 16.96 -4.39
N SER B 140 -24.16 18.21 -4.49
CA SER B 140 -22.87 18.55 -5.06
C SER B 140 -21.73 17.90 -4.30
N GLN B 141 -21.96 17.62 -3.02
CA GLN B 141 -20.93 17.03 -2.18
C GLN B 141 -20.80 15.52 -2.34
N ASN B 142 -21.71 14.92 -3.11
CA ASN B 142 -21.72 13.48 -3.32
C ASN B 142 -20.34 12.89 -3.49
N GLY B 143 -20.05 11.84 -2.72
CA GLY B 143 -18.77 11.19 -2.78
C GLY B 143 -17.73 11.70 -1.80
N LEU B 144 -17.87 12.92 -1.32
CA LEU B 144 -16.88 13.46 -0.39
C LEU B 144 -17.04 13.02 1.07
N PRO B 145 -15.96 13.13 1.86
CA PRO B 145 -15.93 12.75 3.28
C PRO B 145 -17.12 13.21 4.10
N ALA B 146 -17.63 14.39 3.78
CA ALA B 146 -18.76 14.93 4.52
C ALA B 146 -20.02 14.10 4.35
N VAL B 147 -20.24 13.55 3.16
CA VAL B 147 -21.44 12.80 2.89
C VAL B 147 -21.24 11.31 2.62
N ASN B 148 -19.99 10.88 2.51
CA ASN B 148 -19.72 9.46 2.27
C ASN B 148 -20.05 8.70 3.56
N ASN B 149 -20.50 7.46 3.42
CA ASN B 149 -20.84 6.69 4.61
C ASN B 149 -19.81 5.62 4.96
N TYR B 150 -18.71 5.59 4.21
CA TYR B 150 -17.64 4.64 4.44
C TYR B 150 -16.30 5.33 4.34
N SER B 151 -15.27 4.70 4.92
CA SER B 151 -13.93 5.28 4.90
C SER B 151 -12.90 4.38 4.23
N LYS B 152 -13.33 3.19 3.84
CA LYS B 152 -12.44 2.24 3.17
C LYS B 152 -13.25 1.12 2.56
N PHE B 153 -12.73 0.54 1.49
CA PHE B 153 -13.45 -0.53 0.82
C PHE B 153 -12.53 -1.51 0.12
N ARG B 154 -13.07 -2.69 -0.17
CA ARG B 154 -12.33 -3.70 -0.90
C ARG B 154 -13.39 -4.63 -1.49
N TYR B 155 -13.15 -5.10 -2.70
CA TYR B 155 -14.10 -5.96 -3.38
C TYR B 155 -13.88 -7.43 -3.08
N ALA B 156 -14.94 -8.11 -2.66
CA ALA B 156 -14.85 -9.54 -2.35
C ALA B 156 -15.25 -10.30 -3.60
N SER B 157 -16.06 -9.67 -4.45
CA SER B 157 -16.48 -10.31 -5.68
C SER B 157 -17.10 -9.29 -6.64
N MET B 158 -17.14 -9.67 -7.92
CA MET B 158 -17.72 -8.84 -8.97
C MET B 158 -17.89 -9.72 -10.20
N ALA B 159 -19.06 -9.64 -10.82
CA ALA B 159 -19.34 -10.44 -12.01
C ALA B 159 -20.34 -9.74 -12.90
N CYS B 160 -20.43 -10.20 -14.13
CA CYS B 160 -21.35 -9.62 -15.08
C CYS B 160 -21.97 -10.68 -15.98
N GLY B 161 -23.22 -10.46 -16.34
CA GLY B 161 -23.90 -11.39 -17.21
C GLY B 161 -24.75 -10.65 -18.21
N LEU B 162 -24.67 -11.07 -19.47
CA LEU B 162 -25.44 -10.46 -20.54
C LEU B 162 -26.46 -11.48 -21.02
N TYR B 163 -27.73 -11.19 -20.81
CA TYR B 163 -28.82 -12.09 -21.20
C TYR B 163 -29.63 -11.57 -22.38
N PRO B 164 -29.32 -12.04 -23.60
CA PRO B 164 -30.03 -11.62 -24.81
C PRO B 164 -31.54 -11.76 -24.69
N THR B 165 -32.27 -10.79 -25.25
CA THR B 165 -33.72 -10.83 -25.22
C THR B 165 -34.34 -10.66 -26.61
N SER B 166 -33.53 -10.79 -27.65
CA SER B 166 -34.01 -10.69 -29.03
C SER B 166 -34.43 -12.07 -29.51
N ASN B 167 -35.21 -12.16 -30.57
CA ASN B 167 -35.58 -13.48 -31.08
C ASN B 167 -34.45 -13.89 -32.03
N MET B 168 -34.49 -15.14 -32.50
CA MET B 168 -33.43 -15.67 -33.34
C MET B 168 -33.30 -15.13 -34.75
N MET B 169 -34.21 -14.25 -35.15
CA MET B 169 -34.14 -13.70 -36.49
C MET B 169 -33.85 -12.20 -36.49
N GLN B 170 -34.36 -11.48 -35.51
CA GLN B 170 -34.18 -10.04 -35.43
C GLN B 170 -32.80 -9.52 -35.02
N PHE B 171 -32.04 -10.33 -34.31
CA PHE B 171 -30.71 -9.90 -33.86
C PHE B 171 -29.65 -10.26 -34.89
N SER B 172 -28.42 -9.93 -34.53
CA SER B 172 -27.24 -10.25 -35.31
C SER B 172 -26.01 -9.63 -34.66
N GLY B 173 -24.89 -10.30 -34.77
CA GLY B 173 -23.69 -9.75 -34.17
C GLY B 173 -22.97 -10.66 -33.20
N SER B 174 -22.12 -10.06 -32.38
CA SER B 174 -21.31 -10.80 -31.44
C SER B 174 -21.17 -10.20 -30.05
N VAL B 175 -20.65 -11.02 -29.15
CA VAL B 175 -20.36 -10.64 -27.77
C VAL B 175 -18.95 -11.12 -27.57
N GLN B 176 -18.16 -10.29 -26.89
CA GLN B 176 -16.80 -10.67 -26.63
C GLN B 176 -16.49 -10.18 -25.24
N VAL B 177 -15.77 -10.99 -24.49
CA VAL B 177 -15.42 -10.62 -23.14
C VAL B 177 -13.97 -10.89 -22.88
N TRP B 178 -13.36 -10.04 -22.06
CA TRP B 178 -11.99 -10.20 -21.64
C TRP B 178 -11.77 -9.28 -20.44
N ARG B 179 -10.68 -9.48 -19.72
CA ARG B 179 -10.42 -8.67 -18.53
C ARG B 179 -9.18 -7.81 -18.70
N VAL B 180 -9.22 -6.63 -18.10
CA VAL B 180 -8.09 -5.73 -18.15
C VAL B 180 -7.75 -5.37 -16.71
N ASP B 181 -6.46 -5.19 -16.42
CA ASP B 181 -6.04 -4.85 -15.07
C ASP B 181 -6.00 -3.34 -14.94
N LEU B 182 -7.13 -2.75 -14.59
CA LEU B 182 -7.20 -1.31 -14.42
C LEU B 182 -6.68 -0.94 -13.05
N ASN B 183 -5.73 -0.02 -13.02
CA ASN B 183 -5.13 0.43 -11.78
C ASN B 183 -4.99 1.94 -11.84
N LEU B 184 -5.19 2.62 -10.72
CA LEU B 184 -5.04 4.06 -10.69
C LEU B 184 -3.54 4.31 -10.73
N SER B 185 -3.16 5.52 -11.08
CA SER B 185 -1.75 5.86 -11.13
C SER B 185 -1.63 7.36 -10.93
N GLU B 186 -0.41 7.86 -10.89
CA GLU B 186 -0.20 9.28 -10.69
C GLU B 186 0.86 9.85 -11.62
N ALA B 187 0.84 11.16 -11.75
CA ALA B 187 1.80 11.89 -12.56
C ALA B 187 2.09 13.15 -11.77
N VAL B 188 3.35 13.55 -11.72
CA VAL B 188 3.71 14.75 -11.00
C VAL B 188 3.89 15.85 -12.01
N ASN B 189 3.14 16.93 -11.83
CA ASN B 189 3.18 18.07 -12.76
C ASN B 189 3.15 19.39 -12.01
N PRO B 190 3.60 20.46 -12.66
CA PRO B 190 3.62 21.77 -12.00
C PRO B 190 2.25 22.45 -11.95
N ALA B 191 2.07 23.26 -10.92
CA ALA B 191 0.83 24.01 -10.72
C ALA B 191 1.24 25.34 -10.11
N VAL B 192 0.42 26.36 -10.29
CA VAL B 192 0.75 27.68 -9.76
C VAL B 192 0.62 27.81 -8.24
N THR B 193 1.71 28.26 -7.64
CA THR B 193 1.83 28.45 -6.21
C THR B 193 1.50 29.88 -5.81
N ALA B 194 1.88 30.82 -6.67
CA ALA B 194 1.64 32.24 -6.49
C ALA B 194 1.53 32.85 -7.88
N ILE B 195 0.64 33.82 -8.05
CA ILE B 195 0.44 34.47 -9.34
C ILE B 195 1.40 35.65 -9.55
N THR B 196 2.25 35.87 -8.55
CA THR B 196 3.21 36.96 -8.56
C THR B 196 4.60 36.44 -8.20
N PRO B 197 5.62 36.81 -8.99
CA PRO B 197 5.54 37.66 -10.17
C PRO B 197 5.31 36.83 -11.42
N ALA B 198 4.54 37.36 -12.37
CA ALA B 198 4.26 36.64 -13.61
C ALA B 198 5.56 36.06 -14.19
N PRO B 199 5.48 34.90 -14.87
CA PRO B 199 4.25 34.11 -15.12
C PRO B 199 3.78 33.31 -13.90
N GLY B 200 4.25 33.70 -12.72
CA GLY B 200 3.85 33.02 -11.50
C GLY B 200 4.88 32.04 -10.95
N VAL B 201 4.62 31.57 -9.75
CA VAL B 201 5.50 30.63 -9.07
C VAL B 201 4.89 29.22 -9.13
N PHE B 202 5.74 28.23 -9.39
CA PHE B 202 5.27 26.86 -9.51
C PHE B 202 5.90 25.87 -8.54
N ALA B 203 5.26 24.72 -8.44
CA ALA B 203 5.70 23.61 -7.60
C ALA B 203 5.06 22.41 -8.26
N ASN B 204 5.61 21.22 -8.00
CA ASN B 204 5.07 20.02 -8.60
C ASN B 204 4.12 19.31 -7.67
N PHE B 205 2.90 19.10 -8.15
CA PHE B 205 1.87 18.42 -7.39
C PHE B 205 1.50 17.14 -8.12
N VAL B 206 0.80 16.25 -7.45
CA VAL B 206 0.42 15.01 -8.11
C VAL B 206 -1.00 15.04 -8.62
N ASP B 207 -1.19 14.45 -9.78
CA ASP B 207 -2.51 14.37 -10.36
C ASP B 207 -2.78 12.87 -10.56
N LYS B 208 -4.06 12.49 -10.59
CA LYS B 208 -4.41 11.09 -10.75
C LYS B 208 -4.73 10.70 -12.19
N ARG B 209 -4.39 9.46 -12.53
CA ARG B 209 -4.65 8.91 -13.85
C ARG B 209 -5.08 7.47 -13.67
N ILE B 210 -5.22 6.76 -14.78
CA ILE B 210 -5.61 5.37 -14.71
C ILE B 210 -4.94 4.61 -15.85
N ASN B 211 -4.28 3.51 -15.50
CA ASN B 211 -3.60 2.70 -16.49
C ASN B 211 -4.41 1.47 -16.85
N GLY B 212 -4.30 1.05 -18.11
CA GLY B 212 -5.00 -0.13 -18.56
C GLY B 212 -6.08 0.05 -19.60
N LEU B 213 -6.69 1.24 -19.65
CA LEU B 213 -7.78 1.52 -20.60
C LEU B 213 -7.48 1.24 -22.07
N ARG B 214 -6.25 1.52 -22.49
CA ARG B 214 -5.87 1.30 -23.88
C ARG B 214 -6.18 -0.12 -24.36
N GLY B 215 -6.32 -1.05 -23.42
CA GLY B 215 -6.61 -2.43 -23.75
C GLY B 215 -8.05 -2.65 -24.18
N ILE B 216 -8.88 -1.62 -24.02
CA ILE B 216 -10.28 -1.72 -24.45
C ILE B 216 -10.34 -1.19 -25.88
N ARG B 217 -10.35 -2.13 -26.82
CA ARG B 217 -10.36 -1.82 -28.23
C ARG B 217 -11.14 -2.89 -28.97
N PRO B 218 -11.40 -2.69 -30.26
CA PRO B 218 -12.14 -3.69 -31.04
C PRO B 218 -11.43 -5.04 -31.18
N LEU B 219 -10.11 -5.03 -31.13
CA LEU B 219 -9.35 -6.28 -31.26
C LEU B 219 -9.12 -6.98 -29.91
N ALA B 220 -9.88 -8.05 -29.68
CA ALA B 220 -9.80 -8.81 -28.43
C ALA B 220 -8.45 -9.49 -28.21
N PRO B 221 -7.89 -9.32 -27.00
CA PRO B 221 -6.60 -9.90 -26.60
C PRO B 221 -6.67 -11.42 -26.50
N ARG B 222 -5.50 -12.06 -26.44
CA ARG B 222 -5.41 -13.53 -26.35
C ARG B 222 -6.42 -14.19 -25.41
N ASP B 223 -6.45 -13.76 -24.15
CA ASP B 223 -7.37 -14.33 -23.17
C ASP B 223 -8.75 -13.69 -23.29
N ASN B 224 -9.63 -14.30 -24.07
CA ASN B 224 -10.95 -13.72 -24.24
C ASN B 224 -12.02 -14.76 -24.50
N TYR B 225 -13.25 -14.29 -24.63
CA TYR B 225 -14.37 -15.15 -24.97
C TYR B 225 -15.04 -14.45 -26.13
N SER B 226 -15.28 -15.19 -27.22
CA SER B 226 -15.93 -14.62 -28.39
C SER B 226 -17.09 -15.51 -28.78
N GLY B 227 -18.28 -14.92 -28.94
CA GLY B 227 -19.41 -15.74 -29.31
C GLY B 227 -20.52 -15.02 -30.02
N ASN B 228 -21.53 -15.78 -30.40
CA ASN B 228 -22.69 -15.24 -31.08
C ASN B 228 -23.48 -14.42 -30.06
N PHE B 229 -23.85 -13.21 -30.45
CA PHE B 229 -24.61 -12.35 -29.55
C PHE B 229 -25.73 -13.07 -28.80
N ILE B 230 -26.51 -13.85 -29.52
CA ILE B 230 -27.65 -14.56 -28.94
C ILE B 230 -27.34 -15.55 -27.83
N ASP B 231 -26.06 -15.89 -27.66
CA ASP B 231 -25.68 -16.84 -26.62
C ASP B 231 -25.32 -16.15 -25.32
N GLY B 232 -25.33 -14.82 -25.33
CA GLY B 232 -25.00 -14.07 -24.14
C GLY B 232 -23.60 -14.39 -23.66
N ALA B 233 -23.30 -13.97 -22.43
CA ALA B 233 -22.00 -14.23 -21.84
C ALA B 233 -22.02 -13.90 -20.37
N TYR B 234 -21.25 -14.66 -19.59
CA TYR B 234 -21.15 -14.45 -18.17
C TYR B 234 -19.74 -14.72 -17.67
N THR B 235 -19.34 -14.00 -16.65
CA THR B 235 -18.03 -14.21 -16.05
C THR B 235 -17.86 -13.43 -14.78
N PHE B 236 -16.79 -13.75 -14.05
CA PHE B 236 -16.48 -13.10 -12.79
C PHE B 236 -15.16 -12.38 -12.92
N ALA B 237 -14.91 -11.45 -12.00
CA ALA B 237 -13.66 -10.72 -11.97
C ALA B 237 -12.96 -11.32 -10.76
N PHE B 238 -11.67 -11.08 -10.61
CA PHE B 238 -10.98 -11.63 -9.45
C PHE B 238 -9.87 -10.72 -8.96
N ASP B 239 -9.48 -10.94 -7.71
CA ASP B 239 -8.45 -10.16 -7.08
C ASP B 239 -7.15 -10.04 -7.86
N LYS B 240 -6.71 -8.80 -8.06
CA LYS B 240 -5.48 -8.52 -8.79
C LYS B 240 -4.46 -7.86 -7.86
N SER B 241 -4.84 -7.63 -6.59
CA SER B 241 -3.91 -7.10 -5.58
C SER B 241 -3.39 -8.45 -5.12
N THR B 242 -2.62 -8.56 -4.04
CA THR B 242 -2.21 -9.93 -3.75
C THR B 242 -3.04 -10.63 -2.68
N ASP B 243 -3.61 -9.83 -1.79
CA ASP B 243 -4.34 -10.31 -0.64
C ASP B 243 -5.67 -9.60 -0.43
N PHE B 244 -6.38 -9.23 -1.48
CA PHE B 244 -7.63 -8.51 -1.29
C PHE B 244 -7.28 -7.26 -0.49
N GLU B 245 -6.41 -6.44 -1.10
CA GLU B 245 -5.93 -5.20 -0.53
C GLU B 245 -7.05 -4.19 -0.28
N TRP B 246 -6.98 -3.48 0.84
CA TRP B 246 -7.99 -2.47 1.16
C TRP B 246 -7.73 -1.22 0.34
N CYS B 247 -8.80 -0.57 -0.12
CA CYS B 247 -8.68 0.63 -0.92
C CYS B 247 -9.26 1.87 -0.26
N ASP B 248 -8.61 2.99 -0.52
CA ASP B 248 -9.04 4.28 0.00
C ASP B 248 -9.88 4.94 -1.09
N PHE B 249 -10.73 5.87 -0.69
CA PHE B 249 -11.58 6.55 -1.65
C PHE B 249 -10.84 7.67 -2.38
N VAL B 250 -11.10 7.80 -3.67
CA VAL B 250 -10.52 8.89 -4.42
C VAL B 250 -11.67 9.37 -5.32
N ARG B 251 -12.32 10.43 -4.82
CA ARG B 251 -13.47 11.08 -5.45
C ARG B 251 -13.05 11.94 -6.62
N SER B 252 -13.53 11.60 -7.80
CA SER B 252 -13.17 12.34 -8.99
C SER B 252 -14.30 12.30 -10.00
N LEU B 253 -14.28 13.23 -10.95
CA LEU B 253 -15.29 13.28 -11.99
C LEU B 253 -14.91 12.31 -13.10
N GLU B 254 -13.63 12.09 -13.26
CA GLU B 254 -13.15 11.15 -14.27
C GLU B 254 -11.81 10.52 -13.89
N PHE B 255 -11.57 9.33 -14.43
CA PHE B 255 -10.31 8.62 -14.23
C PHE B 255 -9.84 8.51 -15.68
N SER B 256 -8.90 9.38 -16.07
CA SER B 256 -8.44 9.40 -17.44
C SER B 256 -6.93 9.28 -17.63
N GLU B 257 -6.51 9.22 -18.89
CA GLU B 257 -5.09 9.12 -19.22
C GLU B 257 -4.45 10.50 -19.08
N SER B 258 -5.29 11.54 -19.07
CA SER B 258 -4.85 12.93 -18.96
C SER B 258 -5.42 13.65 -17.74
N ASN B 259 -4.67 14.62 -17.23
CA ASN B 259 -5.12 15.39 -16.07
C ASN B 259 -5.91 16.62 -16.53
N VAL B 260 -6.21 16.67 -17.83
CA VAL B 260 -6.98 17.77 -18.39
C VAL B 260 -8.43 17.34 -18.59
N LEU B 261 -9.33 18.05 -17.92
CA LEU B 261 -10.74 17.73 -17.99
C LEU B 261 -11.29 17.71 -19.40
N GLY B 262 -12.10 16.69 -19.69
CA GLY B 262 -12.70 16.57 -21.00
C GLY B 262 -11.81 16.39 -22.21
N ALA B 263 -10.51 16.18 -22.00
CA ALA B 263 -9.59 15.98 -23.13
C ALA B 263 -10.21 14.93 -24.07
N ALA B 264 -10.66 15.37 -25.24
CA ALA B 264 -11.31 14.50 -26.22
C ALA B 264 -10.57 13.24 -26.62
N THR B 265 -9.25 13.35 -26.76
CA THR B 265 -8.43 12.22 -27.17
C THR B 265 -8.08 11.25 -26.03
N ALA B 266 -8.19 11.71 -24.80
CA ALA B 266 -7.86 10.89 -23.63
C ALA B 266 -8.93 9.86 -23.31
N MET B 267 -8.52 8.60 -23.21
CA MET B 267 -9.43 7.51 -22.87
C MET B 267 -9.76 7.72 -21.40
N LYS B 268 -11.01 7.46 -21.01
CA LYS B 268 -11.34 7.67 -19.63
C LYS B 268 -12.67 7.12 -19.18
N LEU B 269 -12.76 6.97 -17.86
CA LEU B 269 -13.98 6.52 -17.20
C LEU B 269 -14.54 7.85 -16.72
N LEU B 270 -15.79 8.12 -17.09
CA LEU B 270 -16.37 9.38 -16.73
C LEU B 270 -17.71 9.30 -16.00
N ALA B 271 -17.79 10.00 -14.88
CA ALA B 271 -19.01 10.05 -14.09
C ALA B 271 -20.05 10.81 -14.92
N PRO B 272 -21.31 10.33 -14.91
CA PRO B 272 -22.37 10.96 -15.68
C PRO B 272 -22.81 12.31 -15.10
N GLY B 273 -23.49 13.09 -15.94
CA GLY B 273 -24.01 14.38 -15.53
C GLY B 273 -23.02 15.33 -14.90
N GLY B 274 -21.79 15.32 -15.38
CA GLY B 274 -20.78 16.21 -14.83
C GLY B 274 -20.55 16.03 -13.34
N GLY B 275 -20.86 14.84 -12.82
CA GLY B 275 -20.66 14.56 -11.41
C GLY B 275 -21.51 15.37 -10.46
N THR B 276 -22.65 15.84 -10.97
CA THR B 276 -23.58 16.64 -10.20
C THR B 276 -24.18 15.87 -9.04
N ASP B 277 -24.44 14.58 -9.27
CA ASP B 277 -25.04 13.74 -8.25
C ASP B 277 -24.24 12.49 -7.97
N THR B 278 -23.50 12.02 -8.96
CA THR B 278 -22.71 10.82 -8.78
C THR B 278 -21.33 10.96 -9.36
N THR B 279 -20.31 10.90 -8.51
CA THR B 279 -18.94 11.01 -8.96
C THR B 279 -18.20 9.69 -8.76
N LEU B 280 -17.06 9.53 -9.43
CA LEU B 280 -16.26 8.33 -9.28
C LEU B 280 -15.75 8.27 -7.83
N THR B 281 -15.87 7.11 -7.20
CA THR B 281 -15.48 6.93 -5.80
C THR B 281 -14.06 6.38 -5.55
N GLY B 282 -13.57 5.58 -6.48
CA GLY B 282 -12.25 5.00 -6.34
C GLY B 282 -12.17 3.77 -7.22
N LEU B 283 -11.07 3.04 -7.15
CA LEU B 283 -10.92 1.83 -7.96
C LEU B 283 -10.50 0.64 -7.09
N GLY B 284 -11.29 -0.43 -7.15
CA GLY B 284 -11.03 -1.61 -6.34
C GLY B 284 -9.88 -2.54 -6.70
N ASN B 285 -9.75 -3.60 -5.90
CA ASN B 285 -8.70 -4.60 -6.03
C ASN B 285 -8.88 -5.69 -7.08
N VAL B 286 -10.07 -5.82 -7.64
CA VAL B 286 -10.28 -6.85 -8.66
C VAL B 286 -10.02 -6.30 -10.07
N ASN B 287 -9.84 -7.19 -11.03
CA ASN B 287 -9.62 -6.75 -12.40
C ASN B 287 -10.93 -6.25 -13.01
N THR B 288 -10.86 -5.70 -14.21
CA THR B 288 -12.04 -5.16 -14.87
C THR B 288 -12.54 -6.00 -16.02
N LEU B 289 -13.86 -6.16 -16.06
CA LEU B 289 -14.53 -6.95 -17.10
C LEU B 289 -14.91 -6.07 -18.29
N VAL B 290 -14.60 -6.54 -19.49
CA VAL B 290 -14.91 -5.79 -20.71
C VAL B 290 -15.82 -6.58 -21.63
N TYR B 291 -16.99 -6.02 -21.92
CA TYR B 291 -17.95 -6.68 -22.80
C TYR B 291 -18.08 -5.85 -24.07
N LYS B 292 -17.84 -6.48 -25.21
CA LYS B 292 -17.94 -5.77 -26.48
C LYS B 292 -19.02 -6.39 -27.36
N ILE B 293 -20.08 -5.62 -27.61
CA ILE B 293 -21.17 -6.10 -28.45
C ILE B 293 -21.14 -5.39 -29.79
N SER B 294 -21.12 -6.17 -30.86
CA SER B 294 -21.10 -5.60 -32.21
C SER B 294 -22.47 -5.82 -32.85
N THR B 295 -23.18 -4.72 -33.10
CA THR B 295 -24.51 -4.78 -33.68
C THR B 295 -24.51 -4.21 -35.10
N PRO B 296 -24.74 -5.06 -36.11
CA PRO B 296 -24.76 -4.56 -37.48
C PRO B 296 -26.00 -3.70 -37.77
N THR B 297 -26.00 -3.06 -38.93
CA THR B 297 -27.12 -2.23 -39.32
C THR B 297 -28.35 -3.11 -39.44
N GLY B 298 -29.49 -2.61 -38.98
CA GLY B 298 -30.73 -3.35 -39.08
C GLY B 298 -30.94 -4.40 -38.01
N ALA B 299 -29.89 -4.70 -37.25
CA ALA B 299 -30.00 -5.71 -36.21
C ALA B 299 -30.72 -5.16 -34.98
N VAL B 300 -31.57 -5.99 -34.37
CA VAL B 300 -32.28 -5.60 -33.16
C VAL B 300 -31.69 -6.45 -32.04
N ASN B 301 -30.73 -5.86 -31.33
CA ASN B 301 -30.03 -6.53 -30.25
C ASN B 301 -30.42 -5.95 -28.91
N THR B 302 -31.20 -6.70 -28.15
CA THR B 302 -31.62 -6.27 -26.83
C THR B 302 -31.22 -7.34 -25.83
N ALA B 303 -31.06 -6.95 -24.57
CA ALA B 303 -30.66 -7.90 -23.56
C ALA B 303 -30.82 -7.32 -22.18
N ILE B 304 -30.77 -8.20 -21.18
CA ILE B 304 -30.81 -7.74 -19.81
C ILE B 304 -29.36 -7.81 -19.37
N LEU B 305 -28.92 -6.78 -18.66
CA LEU B 305 -27.57 -6.71 -18.19
C LEU B 305 -27.54 -6.82 -16.68
N ARG B 306 -26.79 -7.80 -16.18
CA ARG B 306 -26.68 -7.99 -14.74
C ARG B 306 -25.26 -7.73 -14.31
N THR B 307 -25.13 -6.89 -13.29
CA THR B 307 -23.84 -6.53 -12.74
C THR B 307 -23.86 -6.81 -11.25
N TRP B 308 -22.97 -7.68 -10.80
CA TRP B 308 -22.90 -8.07 -9.40
C TRP B 308 -21.65 -7.53 -8.76
N ASN B 309 -21.71 -7.37 -7.45
CA ASN B 309 -20.56 -6.95 -6.70
C ASN B 309 -20.78 -7.11 -5.19
N CYS B 310 -19.74 -7.58 -4.52
CA CYS B 310 -19.77 -7.77 -3.09
C CYS B 310 -18.63 -6.92 -2.56
N ILE B 311 -18.95 -5.92 -1.75
CA ILE B 311 -17.91 -5.05 -1.23
C ILE B 311 -17.89 -4.98 0.28
N GLU B 312 -16.68 -5.12 0.84
CA GLU B 312 -16.50 -5.03 2.29
C GLU B 312 -16.11 -3.57 2.50
N LEU B 313 -16.79 -2.90 3.43
CA LEU B 313 -16.50 -1.50 3.69
C LEU B 313 -16.40 -1.18 5.17
N GLN B 314 -15.49 -0.28 5.49
CA GLN B 314 -15.32 0.18 6.87
C GLN B 314 -16.31 1.34 6.95
N PRO B 315 -17.36 1.18 7.76
CA PRO B 315 -18.41 2.17 7.92
C PRO B 315 -18.21 3.32 8.89
N TYR B 316 -18.90 4.43 8.59
CA TYR B 316 -18.90 5.59 9.45
C TYR B 316 -19.84 5.09 10.55
N THR B 317 -19.53 5.40 11.79
CA THR B 317 -20.34 4.93 12.89
C THR B 317 -21.67 5.67 13.07
N ASP B 318 -21.93 6.68 12.23
CA ASP B 318 -23.16 7.46 12.38
C ASP B 318 -24.25 7.27 11.31
N SER B 319 -23.94 6.61 10.19
CA SER B 319 -24.94 6.41 9.14
C SER B 319 -26.09 5.53 9.61
N ALA B 320 -27.20 5.63 8.90
CA ALA B 320 -28.39 4.84 9.23
C ALA B 320 -28.13 3.40 8.81
N LEU B 321 -27.05 3.22 8.05
CA LEU B 321 -26.65 1.91 7.56
C LEU B 321 -25.84 1.15 8.60
N PHE B 322 -25.29 1.87 9.58
CA PHE B 322 -24.47 1.25 10.61
C PHE B 322 -25.19 0.15 11.37
N GLN B 323 -26.49 0.25 11.49
CA GLN B 323 -27.25 -0.77 12.21
C GLN B 323 -27.13 -2.16 11.59
N PHE B 324 -26.53 -2.25 10.41
CA PHE B 324 -26.37 -3.55 9.74
C PHE B 324 -24.94 -4.04 9.78
N SER B 325 -24.05 -3.24 10.35
CA SER B 325 -22.65 -3.61 10.43
C SER B 325 -22.45 -4.70 11.49
N GLY B 326 -21.42 -5.50 11.29
CA GLY B 326 -21.12 -6.56 12.23
C GLY B 326 -19.68 -6.97 12.02
N VAL B 327 -19.26 -8.05 12.67
CA VAL B 327 -17.88 -8.48 12.52
C VAL B 327 -17.78 -9.35 11.27
N SER B 328 -16.71 -9.15 10.50
CA SER B 328 -16.47 -9.87 9.27
C SER B 328 -16.19 -11.36 9.50
N PRO B 329 -16.17 -12.16 8.43
CA PRO B 329 -15.91 -13.60 8.58
C PRO B 329 -14.62 -13.98 9.27
N PRO B 330 -14.69 -15.08 10.05
CA PRO B 330 -13.51 -15.57 10.76
C PRO B 330 -12.51 -16.18 9.77
N PHE B 331 -11.23 -16.04 10.10
CA PHE B 331 -10.11 -16.54 9.30
C PHE B 331 -10.29 -17.96 8.77
N ASP B 332 -10.19 -18.12 7.46
CA ASP B 332 -10.31 -19.42 6.81
C ASP B 332 -9.25 -19.48 5.71
N PRO B 333 -8.01 -19.78 6.09
CA PRO B 333 -6.87 -19.86 5.16
C PRO B 333 -7.10 -20.83 4.01
N LEU B 334 -7.84 -21.89 4.27
CA LEU B 334 -8.08 -22.86 3.22
C LEU B 334 -8.90 -22.21 2.11
N ALA B 335 -9.99 -21.55 2.51
CA ALA B 335 -10.87 -20.87 1.57
C ALA B 335 -10.08 -19.86 0.73
N LEU B 336 -9.26 -19.06 1.40
CA LEU B 336 -8.47 -18.05 0.70
C LEU B 336 -7.58 -18.71 -0.34
N GLU B 337 -6.87 -19.74 0.08
CA GLU B 337 -5.99 -20.45 -0.81
C GLU B 337 -6.76 -21.02 -2.01
N CYS B 338 -7.93 -21.58 -1.74
CA CYS B 338 -8.76 -22.15 -2.79
C CYS B 338 -9.13 -21.11 -3.82
N TYR B 339 -9.54 -19.95 -3.32
CA TYR B 339 -9.92 -18.85 -4.17
C TYR B 339 -8.81 -18.50 -5.16
N HIS B 340 -7.65 -18.17 -4.62
CA HIS B 340 -6.52 -17.80 -5.47
C HIS B 340 -6.11 -18.90 -6.42
N ASN B 341 -6.38 -20.12 -6.04
CA ASN B 341 -6.04 -21.24 -6.89
C ASN B 341 -7.08 -21.37 -8.02
N LEU B 342 -8.35 -21.40 -7.62
CA LEU B 342 -9.45 -21.53 -8.55
C LEU B 342 -9.62 -20.41 -9.58
N LYS B 343 -9.40 -19.17 -9.17
CA LYS B 343 -9.59 -18.03 -10.06
C LYS B 343 -8.94 -18.14 -11.43
N MET B 344 -7.96 -19.01 -11.56
CA MET B 344 -7.28 -19.16 -12.84
C MET B 344 -7.75 -20.35 -13.70
N ARG B 345 -8.62 -21.18 -13.15
CA ARG B 345 -9.06 -22.38 -13.85
C ARG B 345 -10.36 -22.40 -14.62
N PHE B 346 -10.86 -21.25 -15.05
CA PHE B 346 -12.10 -21.23 -15.80
C PHE B 346 -11.93 -20.43 -17.08
N PRO B 347 -12.82 -20.66 -18.07
CA PRO B 347 -12.73 -19.93 -19.33
C PRO B 347 -12.93 -18.45 -19.01
N VAL B 348 -12.32 -17.57 -19.80
CA VAL B 348 -12.46 -16.14 -19.56
C VAL B 348 -13.93 -15.76 -19.40
N ALA B 349 -14.81 -16.47 -20.10
CA ALA B 349 -16.23 -16.22 -19.98
C ALA B 349 -16.96 -17.41 -20.55
N VAL B 350 -18.25 -17.48 -20.30
CA VAL B 350 -19.05 -18.59 -20.80
C VAL B 350 -20.38 -18.05 -21.28
N SER B 351 -21.00 -18.78 -22.20
CA SER B 351 -22.29 -18.34 -22.69
C SER B 351 -23.24 -18.32 -21.51
N SER B 352 -24.15 -17.35 -21.47
CA SER B 352 -25.09 -17.27 -20.37
C SER B 352 -26.34 -18.06 -20.74
N ARG B 353 -26.67 -18.02 -22.03
CA ARG B 353 -27.84 -18.72 -22.58
C ARG B 353 -27.51 -20.13 -23.04
N GLU B 354 -27.28 -21.01 -22.08
CA GLU B 354 -26.96 -22.42 -22.36
C GLU B 354 -27.05 -23.10 -21.00
N ASN B 355 -26.83 -22.30 -19.95
CA ASN B 355 -26.86 -22.75 -18.56
C ASN B 355 -28.22 -23.35 -18.16
N SER C 1 -27.51 -24.08 -11.16
CA SER C 1 -26.24 -24.09 -10.35
C SER C 1 -25.15 -24.75 -11.18
N LYS C 2 -25.20 -24.55 -12.50
CA LYS C 2 -24.22 -25.13 -13.41
C LYS C 2 -22.83 -24.57 -13.21
N PHE C 3 -22.71 -23.28 -12.92
CA PHE C 3 -21.37 -22.73 -12.71
C PHE C 3 -20.76 -23.22 -11.41
N TRP C 4 -21.56 -23.29 -10.35
CA TRP C 4 -21.05 -23.75 -9.06
C TRP C 4 -20.63 -25.21 -9.15
N GLU C 5 -21.42 -25.99 -9.87
CA GLU C 5 -21.14 -27.40 -10.08
C GLU C 5 -19.74 -27.52 -10.68
N GLY C 6 -19.44 -26.60 -11.59
CA GLY C 6 -18.14 -26.58 -12.23
C GLY C 6 -17.06 -26.23 -11.23
N VAL C 7 -17.36 -25.29 -10.35
CA VAL C 7 -16.41 -24.87 -9.33
C VAL C 7 -16.11 -26.07 -8.43
N LEU C 8 -17.16 -26.78 -8.04
CA LEU C 8 -17.02 -27.95 -7.18
C LEU C 8 -16.13 -28.98 -7.84
N ARG C 9 -16.37 -29.20 -9.14
CA ARG C 9 -15.58 -30.15 -9.92
C ARG C 9 -14.09 -29.81 -9.82
N VAL C 10 -13.74 -28.60 -10.23
CA VAL C 10 -12.36 -28.14 -10.18
C VAL C 10 -11.85 -28.20 -8.74
N LEU C 11 -12.71 -27.85 -7.80
CA LEU C 11 -12.36 -27.86 -6.39
C LEU C 11 -11.84 -29.21 -5.96
N ASN C 12 -12.27 -30.27 -6.63
CA ASN C 12 -11.84 -31.61 -6.28
C ASN C 12 -10.57 -32.01 -7.00
N GLN C 13 -10.36 -31.47 -8.19
CA GLN C 13 -9.17 -31.78 -8.96
C GLN C 13 -7.93 -31.18 -8.28
N ILE C 14 -8.14 -30.26 -7.35
CA ILE C 14 -7.02 -29.63 -6.63
C ILE C 14 -7.00 -29.99 -5.13
N SER C 15 -7.91 -30.87 -4.73
CA SER C 15 -7.98 -31.31 -3.33
C SER C 15 -7.02 -32.46 -3.07
N GLY C 16 -5.88 -32.15 -2.43
CA GLY C 16 -4.88 -33.16 -2.15
C GLY C 16 -4.57 -33.41 -0.68
N THR C 17 -5.13 -32.60 0.22
CA THR C 17 -4.90 -32.77 1.67
C THR C 17 -6.12 -33.38 2.38
N LEU C 18 -7.09 -33.77 1.70
N HIS C 33 -0.17 -26.74 -8.27
CA HIS C 33 -0.66 -28.15 -8.16
C HIS C 33 -1.81 -28.30 -7.16
N GLN C 34 -1.55 -29.06 -6.09
CA GLN C 34 -2.55 -29.31 -5.04
C GLN C 34 -2.52 -28.24 -3.97
N LEU C 35 -3.57 -28.21 -3.15
CA LEU C 35 -3.67 -27.23 -2.08
C LEU C 35 -2.76 -27.60 -0.90
N THR C 36 -1.89 -26.67 -0.51
CA THR C 36 -0.99 -26.87 0.62
C THR C 36 -1.62 -26.13 1.79
N GLY C 37 -2.38 -26.84 2.61
CA GLY C 37 -3.05 -26.22 3.75
C GLY C 37 -2.36 -25.04 4.43
N MET C 38 -1.05 -24.93 4.25
CA MET C 38 -0.22 -23.88 4.87
C MET C 38 -0.36 -22.43 4.39
N TYR C 39 -1.59 -21.96 4.19
CA TYR C 39 -1.77 -20.57 3.78
C TYR C 39 -1.64 -19.69 5.03
N MET C 40 -0.90 -18.59 4.94
CA MET C 40 -0.73 -17.71 6.10
C MET C 40 -0.91 -16.23 5.77
N ASN D 43 7.29 -29.94 7.11
CA ASN D 43 6.36 -30.90 6.42
C ASN D 43 6.76 -31.13 4.95
N PRO D 44 6.75 -30.05 4.11
CA PRO D 44 7.11 -30.17 2.69
C PRO D 44 8.53 -29.70 2.33
N ARG D 45 8.73 -29.42 1.05
CA ARG D 45 10.00 -28.90 0.55
C ARG D 45 9.71 -27.93 -0.59
N LEU D 46 10.74 -27.22 -1.03
CA LEU D 46 10.60 -26.21 -2.08
C LEU D 46 10.04 -26.70 -3.42
N THR D 47 9.20 -25.87 -4.02
CA THR D 47 8.65 -26.17 -5.33
C THR D 47 9.71 -25.68 -6.29
N ASP D 48 9.63 -26.10 -7.54
CA ASP D 48 10.62 -25.70 -8.52
C ASP D 48 10.69 -24.19 -8.66
N ALA D 49 9.53 -23.55 -8.80
CA ALA D 49 9.47 -22.10 -8.95
C ALA D 49 9.94 -21.42 -7.67
N GLY D 50 9.61 -22.00 -6.52
CA GLY D 50 10.02 -21.44 -5.26
C GLY D 50 11.54 -21.42 -5.17
N LEU D 51 12.15 -22.50 -5.64
CA LEU D 51 13.59 -22.57 -5.61
C LEU D 51 14.20 -21.52 -6.54
N ALA D 52 13.64 -21.41 -7.74
CA ALA D 52 14.09 -20.44 -8.73
C ALA D 52 13.98 -19.03 -8.16
N PHE D 53 12.87 -18.79 -7.46
CA PHE D 53 12.57 -17.51 -6.84
C PHE D 53 13.73 -17.14 -5.91
N LEU D 54 14.14 -18.11 -5.10
CA LEU D 54 15.23 -17.91 -4.15
C LEU D 54 16.55 -17.65 -4.86
N LYS D 55 16.84 -18.42 -5.90
CA LYS D 55 18.08 -18.26 -6.68
C LYS D 55 18.11 -16.87 -7.29
N CYS D 56 17.01 -16.50 -7.95
CA CYS D 56 16.92 -15.20 -8.58
C CYS D 56 17.12 -14.07 -7.57
N ALA D 57 16.49 -14.21 -6.40
CA ALA D 57 16.58 -13.19 -5.37
C ALA D 57 17.99 -12.95 -4.83
N PHE D 58 18.64 -14.02 -4.38
CA PHE D 58 19.96 -13.89 -3.78
C PHE D 58 21.19 -14.16 -4.63
N ALA D 59 21.15 -15.16 -5.49
CA ALA D 59 22.30 -15.51 -6.31
C ALA D 59 22.06 -15.23 -7.78
N ALA D 60 21.69 -14.00 -8.09
CA ALA D 60 21.43 -13.57 -9.45
C ALA D 60 22.47 -13.94 -10.53
N PRO D 61 23.76 -13.72 -10.25
CA PRO D 61 24.79 -14.04 -11.24
C PRO D 61 25.29 -15.48 -11.34
N ASP D 62 24.70 -16.40 -10.60
CA ASP D 62 25.22 -17.76 -10.57
C ASP D 62 24.78 -18.84 -11.55
N PHE D 63 23.88 -18.55 -12.49
CA PHE D 63 23.46 -19.63 -13.37
C PHE D 63 23.62 -19.40 -14.86
N SER D 64 23.27 -20.41 -15.65
CA SER D 64 23.40 -20.33 -17.10
C SER D 64 22.39 -19.36 -17.70
N VAL D 65 21.18 -19.36 -17.14
CA VAL D 65 20.09 -18.51 -17.60
C VAL D 65 19.30 -18.06 -16.37
N ASP D 66 18.95 -16.79 -16.29
CA ASP D 66 18.18 -16.31 -15.15
C ASP D 66 16.99 -17.22 -14.87
N PRO D 67 17.03 -17.91 -13.71
CA PRO D 67 16.00 -18.85 -13.26
C PRO D 67 14.71 -18.21 -12.77
N GLY D 68 14.76 -16.92 -12.45
CA GLY D 68 13.60 -16.21 -11.94
C GLY D 68 12.32 -16.44 -12.73
N LYS D 69 11.19 -16.40 -12.03
CA LYS D 69 9.89 -16.59 -12.66
C LYS D 69 8.84 -15.72 -11.97
N GLY D 70 9.23 -15.10 -10.86
CA GLY D 70 8.30 -14.26 -10.12
C GLY D 70 8.13 -14.68 -8.67
N ILE D 71 7.24 -14.01 -7.96
CA ILE D 71 6.99 -14.33 -6.56
C ILE D 71 5.95 -15.45 -6.44
N PRO D 72 6.33 -16.58 -5.81
CA PRO D 72 5.47 -17.74 -5.62
C PRO D 72 4.46 -17.61 -4.49
N ASP D 73 3.72 -16.52 -4.47
CA ASP D 73 2.70 -16.35 -3.45
C ASP D 73 1.31 -16.61 -4.03
N ASN D 74 0.28 -16.05 -3.41
CA ASN D 74 -1.08 -16.27 -3.89
C ASN D 74 -1.60 -15.36 -4.98
N PHE D 75 -0.73 -14.56 -5.59
CA PHE D 75 -1.19 -13.69 -6.66
C PHE D 75 -1.78 -14.56 -7.75
N HIS D 76 -1.04 -15.60 -8.14
CA HIS D 76 -1.50 -16.56 -9.14
C HIS D 76 -2.36 -15.89 -10.21
N GLY D 77 -1.74 -14.99 -10.97
CA GLY D 77 -2.48 -14.28 -12.00
C GLY D 77 -1.69 -13.97 -13.26
N ARG D 78 -2.21 -13.08 -14.10
CA ARG D 78 -1.55 -12.72 -15.34
C ARG D 78 -0.46 -11.69 -15.13
N THR D 79 0.76 -12.06 -15.49
CA THR D 79 1.88 -11.16 -15.33
C THR D 79 2.84 -11.24 -16.51
N LEU D 80 3.64 -10.19 -16.62
CA LEU D 80 4.69 -10.11 -17.61
C LEU D 80 5.85 -9.94 -16.63
N ALA D 81 6.81 -10.86 -16.69
CA ALA D 81 7.94 -10.81 -15.78
C ALA D 81 9.23 -10.41 -16.46
N ILE D 82 9.76 -9.26 -16.06
CA ILE D 82 11.00 -8.80 -16.61
C ILE D 82 12.12 -9.39 -15.78
N LYS D 83 13.06 -10.04 -16.47
CA LYS D 83 14.24 -10.60 -15.83
C LYS D 83 15.35 -10.03 -16.67
N ASP D 84 16.02 -9.01 -16.16
CA ASP D 84 17.07 -8.36 -16.92
C ASP D 84 18.23 -7.88 -16.07
N CYS D 85 19.33 -7.59 -16.74
CA CYS D 85 20.53 -7.11 -16.09
C CYS D 85 21.25 -6.13 -17.01
N ASN D 86 21.47 -4.93 -16.50
CA ASN D 86 22.15 -3.89 -17.24
C ASN D 86 23.65 -3.96 -16.95
N THR D 87 24.40 -4.53 -17.90
CA THR D 87 25.85 -4.69 -17.78
C THR D 87 26.57 -3.65 -18.63
N THR D 88 27.26 -2.72 -17.98
CA THR D 88 27.95 -1.64 -18.68
C THR D 88 29.33 -1.31 -18.13
N SER D 89 30.17 -0.71 -18.97
CA SER D 89 31.52 -0.32 -18.57
C SER D 89 31.47 1.09 -18.02
N VAL D 90 32.16 1.32 -16.91
CA VAL D 90 32.14 2.65 -16.31
C VAL D 90 33.54 3.10 -15.89
N VAL D 91 33.68 4.40 -15.69
CA VAL D 91 34.94 4.97 -15.24
C VAL D 91 34.63 5.96 -14.15
N PHE D 92 35.37 5.88 -13.06
CA PHE D 92 35.14 6.79 -11.97
C PHE D 92 36.12 7.92 -12.07
N THR D 93 35.57 9.13 -12.18
CA THR D 93 36.36 10.33 -12.29
C THR D 93 37.36 10.52 -11.17
N PRO D 94 38.64 10.67 -11.51
CA PRO D 94 39.67 10.85 -10.50
C PRO D 94 39.34 12.05 -9.62
N ASN D 95 39.67 11.92 -8.35
CA ASN D 95 39.44 12.95 -7.36
C ASN D 95 37.95 13.30 -7.16
N THR D 96 37.14 12.26 -6.99
CA THR D 96 35.71 12.43 -6.76
C THR D 96 35.12 11.22 -6.03
N ASP D 97 34.02 11.47 -5.33
CA ASP D 97 33.28 10.44 -4.62
C ASP D 97 32.13 10.19 -5.61
N THR D 98 31.98 8.96 -6.06
CA THR D 98 30.91 8.65 -7.01
C THR D 98 29.89 7.74 -6.34
N TYR D 99 28.63 8.16 -6.36
CA TYR D 99 27.58 7.36 -5.75
C TYR D 99 26.75 6.68 -6.83
N ILE D 100 26.66 5.36 -6.74
CA ILE D 100 25.85 4.58 -7.67
C ILE D 100 24.72 4.05 -6.82
N VAL D 101 23.55 4.68 -6.95
CA VAL D 101 22.38 4.29 -6.19
C VAL D 101 21.48 3.40 -7.02
N VAL D 102 21.26 2.18 -6.56
CA VAL D 102 20.41 1.24 -7.27
C VAL D 102 19.06 1.17 -6.58
N ALA D 103 18.14 2.02 -7.02
CA ALA D 103 16.81 2.09 -6.43
C ALA D 103 15.79 1.44 -7.35
N PRO D 104 14.72 0.86 -6.77
CA PRO D 104 13.67 0.19 -7.55
C PRO D 104 12.73 1.10 -8.35
N VAL D 105 13.27 1.80 -9.34
CA VAL D 105 12.47 2.65 -10.22
C VAL D 105 12.45 1.93 -11.57
N PRO D 106 11.30 1.32 -11.92
CA PRO D 106 11.20 0.60 -13.19
C PRO D 106 11.74 1.39 -14.38
N GLY D 107 12.54 0.72 -15.21
CA GLY D 107 13.10 1.37 -16.37
C GLY D 107 14.51 1.89 -16.16
N PHE D 108 14.92 2.05 -14.91
CA PHE D 108 16.26 2.56 -14.64
C PHE D 108 17.21 1.56 -14.03
N ALA D 109 18.44 1.54 -14.53
CA ALA D 109 19.47 0.64 -14.04
C ALA D 109 20.04 1.18 -12.74
N TYR D 110 20.22 2.49 -12.65
CA TYR D 110 20.74 3.11 -11.43
C TYR D 110 20.78 4.61 -11.54
N PHE D 111 21.14 5.26 -10.45
CA PHE D 111 21.24 6.70 -10.40
C PHE D 111 22.64 7.06 -9.97
N ARG D 112 23.26 7.95 -10.71
CA ARG D 112 24.63 8.34 -10.45
C ARG D 112 24.78 9.79 -9.98
N ALA D 113 25.79 10.00 -9.15
CA ALA D 113 26.11 11.33 -8.64
C ALA D 113 27.62 11.39 -8.46
N GLU D 114 28.22 12.48 -8.92
CA GLU D 114 29.66 12.70 -8.80
C GLU D 114 29.86 13.92 -7.93
N VAL D 115 30.75 13.81 -6.96
CA VAL D 115 30.96 14.89 -6.02
C VAL D 115 32.42 14.92 -5.56
N ALA D 116 32.86 16.05 -5.03
CA ALA D 116 34.24 16.15 -4.54
C ALA D 116 34.38 15.14 -3.40
N VAL D 117 35.52 14.49 -3.29
CA VAL D 117 35.67 13.52 -2.21
C VAL D 117 35.34 14.18 -0.87
N GLY D 118 34.42 13.55 -0.12
CA GLY D 118 34.03 14.08 1.16
C GLY D 118 32.76 14.93 1.13
N ALA D 119 32.44 15.46 -0.04
CA ALA D 119 31.25 16.30 -0.22
C ALA D 119 29.93 15.53 -0.18
N GLN D 120 28.85 16.29 -0.02
CA GLN D 120 27.51 15.72 0.05
C GLN D 120 26.83 15.67 -1.31
N PRO D 121 26.53 14.45 -1.80
CA PRO D 121 25.86 14.32 -3.10
C PRO D 121 24.43 14.79 -2.91
N THR D 122 23.81 15.36 -3.93
CA THR D 122 22.42 15.78 -3.75
C THR D 122 21.53 15.31 -4.91
N THR D 123 22.06 15.34 -6.12
CA THR D 123 21.27 14.91 -7.26
C THR D 123 21.83 13.66 -7.93
N PHE D 124 21.02 12.62 -7.93
CA PHE D 124 21.41 11.36 -8.54
C PHE D 124 20.62 11.21 -9.83
N VAL D 125 21.34 11.24 -10.95
CA VAL D 125 20.69 11.15 -12.25
C VAL D 125 20.55 9.72 -12.76
N GLY D 126 19.33 9.39 -13.15
CA GLY D 126 19.06 8.06 -13.65
C GLY D 126 19.71 7.66 -14.96
N VAL D 127 20.06 6.39 -15.05
CA VAL D 127 20.65 5.79 -16.24
C VAL D 127 19.63 4.72 -16.57
N PRO D 128 18.87 4.90 -17.65
CA PRO D 128 17.86 3.89 -18.01
C PRO D 128 18.34 2.65 -18.73
N TYR D 129 17.52 1.60 -18.65
CA TYR D 129 17.79 0.35 -19.36
C TYR D 129 17.41 0.70 -20.79
N PRO D 130 18.09 0.11 -21.77
CA PRO D 130 17.77 0.38 -23.17
C PRO D 130 16.33 -0.04 -23.47
N THR D 131 15.79 -0.93 -22.64
CA THR D 131 14.42 -1.39 -22.85
C THR D 131 13.35 -0.42 -22.35
N TYR D 132 13.77 0.71 -21.79
CA TYR D 132 12.80 1.66 -21.27
C TYR D 132 11.64 1.97 -22.21
N ALA D 133 11.96 2.54 -23.37
CA ALA D 133 10.93 2.88 -24.35
C ALA D 133 10.00 1.71 -24.60
N THR D 134 10.59 0.55 -24.83
CA THR D 134 9.83 -0.66 -25.09
C THR D 134 8.80 -0.96 -24.01
N ASN D 135 9.15 -0.68 -22.76
CA ASN D 135 8.24 -0.98 -21.66
C ASN D 135 7.30 0.15 -21.30
N PHE D 136 7.85 1.35 -21.18
CA PHE D 136 7.07 2.50 -20.75
C PHE D 136 6.70 3.59 -21.74
N GLY D 137 7.11 3.43 -22.98
CA GLY D 137 6.75 4.40 -24.00
C GLY D 137 7.86 5.36 -24.37
N ALA D 138 7.68 6.00 -25.52
CA ALA D 138 8.66 6.96 -26.01
C ALA D 138 8.03 8.34 -26.25
N GLY D 139 8.87 9.31 -26.57
CA GLY D 139 8.36 10.64 -26.82
C GLY D 139 8.09 11.41 -25.56
N SER D 140 7.48 12.58 -25.73
CA SER D 140 7.16 13.45 -24.61
C SER D 140 6.21 12.79 -23.64
N GLN D 141 5.47 11.80 -24.12
CA GLN D 141 4.51 11.11 -23.27
C GLN D 141 5.08 9.94 -22.48
N ASN D 142 6.35 9.61 -22.73
CA ASN D 142 7.00 8.49 -22.07
C ASN D 142 6.61 8.39 -20.59
N GLY D 143 6.24 7.18 -20.18
CA GLY D 143 5.85 6.95 -18.80
C GLY D 143 4.35 7.10 -18.50
N LEU D 144 3.64 7.90 -19.29
CA LEU D 144 2.21 8.11 -19.03
C LEU D 144 1.29 6.98 -19.50
N PRO D 145 0.09 6.89 -18.89
CA PRO D 145 -0.93 5.89 -19.18
C PRO D 145 -1.19 5.61 -20.66
N ALA D 146 -1.01 6.63 -21.48
CA ALA D 146 -1.24 6.47 -22.91
C ALA D 146 -0.20 5.59 -23.57
N VAL D 147 1.04 5.72 -23.15
CA VAL D 147 2.12 4.95 -23.76
C VAL D 147 2.73 3.84 -22.90
N ASN D 148 2.41 3.84 -21.61
CA ASN D 148 2.93 2.82 -20.72
C ASN D 148 2.28 1.47 -21.06
N ASN D 149 3.04 0.38 -20.96
CA ASN D 149 2.50 -0.93 -21.27
C ASN D 149 2.09 -1.77 -20.07
N TYR D 150 2.18 -1.18 -18.87
CA TYR D 150 1.81 -1.87 -17.65
C TYR D 150 0.98 -0.96 -16.75
N SER D 151 0.22 -1.57 -15.84
CA SER D 151 -0.62 -0.80 -14.94
C SER D 151 -0.26 -1.02 -13.47
N LYS D 152 0.67 -1.94 -13.21
CA LYS D 152 1.09 -2.22 -11.83
C LYS D 152 2.37 -3.04 -11.83
N PHE D 153 3.16 -2.89 -10.77
CA PHE D 153 4.41 -3.61 -10.70
C PHE D 153 4.85 -3.91 -9.27
N ARG D 154 5.73 -4.88 -9.14
CA ARG D 154 6.28 -5.28 -7.85
C ARG D 154 7.61 -5.96 -8.17
N TYR D 155 8.63 -5.66 -7.37
CA TYR D 155 9.97 -6.23 -7.56
C TYR D 155 10.12 -7.57 -6.86
N ALA D 156 10.53 -8.58 -7.62
CA ALA D 156 10.73 -9.92 -7.06
C ALA D 156 12.19 -10.05 -6.64
N SER D 157 13.05 -9.21 -7.21
CA SER D 157 14.46 -9.25 -6.87
C SER D 157 15.19 -8.08 -7.52
N MET D 158 16.36 -7.75 -6.98
CA MET D 158 17.18 -6.67 -7.48
C MET D 158 18.55 -6.78 -6.81
N ALA D 159 19.62 -6.70 -7.60
CA ALA D 159 20.96 -6.80 -7.06
C ALA D 159 21.92 -6.00 -7.90
N CYS D 160 23.13 -5.81 -7.39
CA CYS D 160 24.13 -5.05 -8.10
C CYS D 160 25.52 -5.61 -7.85
N GLY D 161 26.35 -5.59 -8.88
CA GLY D 161 27.70 -6.08 -8.76
C GLY D 161 28.68 -5.15 -9.44
N LEU D 162 29.75 -4.80 -8.75
CA LEU D 162 30.77 -3.92 -9.31
C LEU D 162 32.01 -4.78 -9.59
N TYR D 163 32.40 -4.86 -10.86
CA TYR D 163 33.56 -5.66 -11.26
C TYR D 163 34.71 -4.83 -11.75
N PRO D 164 35.71 -4.60 -10.88
CA PRO D 164 36.89 -3.80 -11.23
C PRO D 164 37.60 -4.31 -12.47
N THR D 165 38.14 -3.38 -13.26
CA THR D 165 38.84 -3.74 -14.47
C THR D 165 40.19 -3.01 -14.55
N SER D 166 40.65 -2.47 -13.42
CA SER D 166 41.93 -1.76 -13.34
C SER D 166 43.04 -2.75 -13.04
N ASN D 167 44.29 -2.37 -13.31
CA ASN D 167 45.40 -3.26 -13.00
C ASN D 167 45.93 -2.95 -11.60
N MET D 168 46.82 -3.82 -11.13
CA MET D 168 47.37 -3.72 -9.79
C MET D 168 48.29 -2.54 -9.50
N MET D 169 48.50 -1.71 -10.51
CA MET D 169 49.36 -0.56 -10.37
C MET D 169 48.57 0.73 -10.55
N GLN D 170 47.33 0.62 -11.03
CA GLN D 170 46.52 1.80 -11.26
C GLN D 170 45.27 2.00 -10.41
N PHE D 171 44.79 0.96 -9.74
CA PHE D 171 43.61 1.14 -8.91
C PHE D 171 44.01 1.95 -7.68
N SER D 172 43.03 2.49 -6.97
CA SER D 172 43.28 3.27 -5.77
C SER D 172 41.96 3.81 -5.29
N GLY D 173 41.59 3.49 -4.06
CA GLY D 173 40.32 3.96 -3.55
C GLY D 173 39.48 2.85 -2.96
N SER D 174 38.23 3.17 -2.66
CA SER D 174 37.35 2.20 -2.04
C SER D 174 35.94 2.12 -2.57
N VAL D 175 35.25 1.08 -2.14
CA VAL D 175 33.85 0.84 -2.48
C VAL D 175 33.18 0.63 -1.15
N GLN D 176 32.20 1.46 -0.83
CA GLN D 176 31.48 1.31 0.41
C GLN D 176 30.05 1.03 0.01
N VAL D 177 29.48 -0.02 0.57
CA VAL D 177 28.14 -0.40 0.23
C VAL D 177 27.24 -0.54 1.45
N TRP D 178 26.00 -0.11 1.29
CA TRP D 178 25.01 -0.22 2.35
C TRP D 178 23.62 0.01 1.78
N ARG D 179 22.60 -0.51 2.45
CA ARG D 179 21.24 -0.36 1.97
C ARG D 179 20.48 0.72 2.71
N VAL D 180 19.55 1.36 2.00
CA VAL D 180 18.71 2.41 2.57
C VAL D 180 17.27 2.13 2.17
N ASP D 181 16.33 2.50 3.03
CA ASP D 181 14.91 2.26 2.75
C ASP D 181 14.26 3.48 2.09
N LEU D 182 14.32 3.52 0.77
CA LEU D 182 13.72 4.63 0.05
C LEU D 182 12.23 4.36 -0.07
N ASN D 183 11.43 5.35 0.25
CA ASN D 183 9.98 5.25 0.17
C ASN D 183 9.41 6.58 -0.29
N LEU D 184 8.42 6.53 -1.16
CA LEU D 184 7.79 7.75 -1.63
C LEU D 184 6.96 8.28 -0.48
N SER D 185 6.70 9.57 -0.48
CA SER D 185 5.90 10.17 0.58
C SER D 185 5.13 11.34 -0.01
N GLU D 186 4.31 11.98 0.81
CA GLU D 186 3.53 13.11 0.34
C GLU D 186 3.56 14.27 1.31
N ALA D 187 3.27 15.45 0.78
CA ALA D 187 3.19 16.67 1.57
C ALA D 187 2.00 17.43 1.01
N VAL D 188 1.14 17.94 1.87
CA VAL D 188 -0.02 18.68 1.42
C VAL D 188 0.32 20.15 1.48
N ASN D 189 0.21 20.83 0.35
CA ASN D 189 0.53 22.24 0.25
C ASN D 189 -0.49 22.98 -0.58
N PRO D 190 -0.58 24.31 -0.40
CA PRO D 190 -1.55 25.09 -1.16
C PRO D 190 -1.14 25.41 -2.60
N ALA D 191 -2.14 25.52 -3.46
CA ALA D 191 -1.94 25.85 -4.87
C ALA D 191 -3.11 26.74 -5.28
N VAL D 192 -2.89 27.56 -6.31
CA VAL D 192 -3.91 28.48 -6.79
C VAL D 192 -5.08 27.79 -7.49
N THR D 193 -6.28 28.10 -6.99
CA THR D 193 -7.53 27.56 -7.47
C THR D 193 -8.18 28.52 -8.46
N ALA D 194 -7.99 29.82 -8.21
CA ALA D 194 -8.54 30.89 -9.03
C ALA D 194 -7.60 32.08 -8.91
N ILE D 195 -7.31 32.75 -10.03
CA ILE D 195 -6.41 33.91 -10.03
C ILE D 195 -7.09 35.22 -9.65
N THR D 196 -8.38 35.14 -9.33
CA THR D 196 -9.20 36.27 -8.95
C THR D 196 -10.01 35.92 -7.71
N PRO D 197 -10.03 36.82 -6.73
CA PRO D 197 -9.34 38.12 -6.72
C PRO D 197 -7.93 37.98 -6.16
N ALA D 198 -6.98 38.70 -6.76
CA ALA D 198 -5.59 38.64 -6.27
C ALA D 198 -5.56 38.76 -4.74
N PRO D 199 -4.58 38.10 -4.09
CA PRO D 199 -3.53 37.27 -4.70
C PRO D 199 -3.99 35.89 -5.16
N GLY D 200 -5.30 35.71 -5.29
CA GLY D 200 -5.84 34.45 -5.74
C GLY D 200 -6.50 33.61 -4.66
N VAL D 201 -7.18 32.56 -5.09
CA VAL D 201 -7.86 31.63 -4.20
C VAL D 201 -7.02 30.36 -4.11
N PHE D 202 -6.90 29.80 -2.91
CA PHE D 202 -6.11 28.60 -2.73
C PHE D 202 -6.85 27.40 -2.16
N ALA D 203 -6.21 26.25 -2.25
CA ALA D 203 -6.71 24.99 -1.75
C ALA D 203 -5.46 24.16 -1.55
N ASN D 204 -5.52 23.17 -0.67
CA ASN D 204 -4.35 22.35 -0.43
C ASN D 204 -4.38 21.07 -1.24
N PHE D 205 -3.30 20.84 -1.99
CA PHE D 205 -3.16 19.66 -2.82
C PHE D 205 -1.96 18.86 -2.36
N VAL D 206 -1.85 17.62 -2.82
CA VAL D 206 -0.71 16.82 -2.41
C VAL D 206 0.38 16.87 -3.46
N ASP D 207 1.62 16.83 -2.99
CA ASP D 207 2.76 16.79 -3.88
C ASP D 207 3.55 15.59 -3.41
N LYS D 208 4.32 14.99 -4.30
CA LYS D 208 5.09 13.80 -3.94
C LYS D 208 6.52 14.12 -3.55
N ARG D 209 7.04 13.33 -2.63
CA ARG D 209 8.43 13.46 -2.18
C ARG D 209 8.97 12.06 -1.96
N ILE D 210 10.20 11.99 -1.48
CA ILE D 210 10.82 10.71 -1.21
C ILE D 210 11.64 10.79 0.06
N ASN D 211 11.44 9.80 0.93
CA ASN D 211 12.17 9.75 2.19
C ASN D 211 13.27 8.70 2.16
N GLY D 212 14.40 9.03 2.78
CA GLY D 212 15.51 8.11 2.83
C GLY D 212 16.82 8.60 2.25
N LEU D 213 16.74 9.43 1.21
CA LEU D 213 17.93 9.94 0.54
C LEU D 213 19.00 10.50 1.45
N ARG D 214 18.60 11.22 2.50
CA ARG D 214 19.57 11.82 3.40
C ARG D 214 20.61 10.84 3.95
N GLY D 215 20.27 9.55 3.95
CA GLY D 215 21.18 8.53 4.44
C GLY D 215 22.32 8.23 3.48
N ILE D 216 22.24 8.76 2.26
CA ILE D 216 23.27 8.59 1.25
C ILE D 216 24.25 9.75 1.41
N ARG D 217 25.34 9.48 2.12
CA ARG D 217 26.32 10.52 2.39
C ARG D 217 27.72 9.94 2.47
N PRO D 218 28.75 10.80 2.57
CA PRO D 218 30.13 10.31 2.64
C PRO D 218 30.44 9.46 3.89
N LEU D 219 29.87 9.83 5.05
CA LEU D 219 30.09 9.06 6.28
C LEU D 219 29.05 7.96 6.42
N ALA D 220 29.42 6.75 5.98
CA ALA D 220 28.52 5.60 6.02
C ALA D 220 28.30 5.05 7.43
N PRO D 221 27.18 4.33 7.64
CA PRO D 221 26.79 3.71 8.92
C PRO D 221 27.74 2.58 9.30
N ARG D 222 27.82 2.21 10.59
CA ARG D 222 28.76 1.16 10.98
C ARG D 222 28.51 -0.17 10.27
N ASP D 223 27.29 -0.36 9.79
CA ASP D 223 26.92 -1.58 9.09
C ASP D 223 27.52 -1.72 7.70
N ASN D 224 27.88 -0.59 7.10
CA ASN D 224 28.44 -0.57 5.76
C ASN D 224 29.59 -1.55 5.51
N TYR D 225 29.70 -1.97 4.26
CA TYR D 225 30.77 -2.87 3.84
C TYR D 225 31.77 -1.92 3.18
N SER D 226 32.99 -1.89 3.68
CA SER D 226 33.99 -1.00 3.08
C SER D 226 35.19 -1.79 2.62
N GLY D 227 35.29 -2.01 1.31
CA GLY D 227 36.41 -2.74 0.78
C GLY D 227 37.21 -1.90 -0.19
N ASN D 228 38.30 -2.47 -0.70
CA ASN D 228 39.12 -1.74 -1.64
C ASN D 228 38.40 -1.76 -2.98
N PHE D 229 38.59 -0.71 -3.77
CA PHE D 229 37.94 -0.67 -5.06
C PHE D 229 38.24 -1.93 -5.86
N ILE D 230 39.49 -2.35 -5.85
CA ILE D 230 39.93 -3.52 -6.60
C ILE D 230 39.27 -4.83 -6.20
N ASP D 231 38.57 -4.82 -5.07
CA ASP D 231 37.88 -6.03 -4.62
C ASP D 231 36.46 -6.07 -5.15
N GLY D 232 36.00 -4.95 -5.70
CA GLY D 232 34.65 -4.89 -6.22
C GLY D 232 33.68 -5.06 -5.08
N ALA D 233 32.43 -5.37 -5.42
CA ALA D 233 31.41 -5.58 -4.40
C ALA D 233 30.15 -6.12 -5.03
N TYR D 234 29.45 -6.97 -4.29
CA TYR D 234 28.21 -7.54 -4.76
C TYR D 234 27.21 -7.68 -3.63
N THR D 235 25.95 -7.43 -3.94
CA THR D 235 24.90 -7.60 -2.96
C THR D 235 23.53 -7.54 -3.59
N PHE D 236 22.54 -7.98 -2.83
CA PHE D 236 21.16 -7.99 -3.29
C PHE D 236 20.34 -7.08 -2.39
N ALA D 237 19.21 -6.63 -2.92
CA ALA D 237 18.29 -5.79 -2.17
C ALA D 237 17.19 -6.77 -1.79
N PHE D 238 16.29 -6.38 -0.90
CA PHE D 238 15.21 -7.30 -0.53
C PHE D 238 13.94 -6.58 -0.14
N ASP D 239 12.85 -7.34 -0.07
CA ASP D 239 11.54 -6.79 0.25
C ASP D 239 11.49 -6.03 1.58
N LYS D 240 11.02 -4.79 1.50
CA LYS D 240 10.90 -3.94 2.68
C LYS D 240 9.43 -3.55 2.80
N SER D 241 8.60 -4.12 1.94
CA SER D 241 7.17 -3.86 1.97
C SER D 241 6.62 -4.92 2.90
N THR D 242 5.33 -4.88 3.16
CA THR D 242 4.77 -5.86 4.07
C THR D 242 5.05 -7.30 3.60
N ASP D 243 4.66 -7.56 2.36
CA ASP D 243 4.69 -8.89 1.76
C ASP D 243 4.84 -8.81 0.24
N PHE D 244 5.82 -8.09 -0.30
CA PHE D 244 5.91 -7.99 -1.76
C PHE D 244 4.62 -7.32 -2.22
N GLU D 245 4.38 -6.11 -1.74
CA GLU D 245 3.19 -5.32 -2.09
C GLU D 245 3.31 -4.84 -3.52
N TRP D 246 2.17 -4.73 -4.20
CA TRP D 246 2.13 -4.24 -5.56
C TRP D 246 2.21 -2.72 -5.54
N CYS D 247 2.86 -2.14 -6.54
CA CYS D 247 3.00 -0.69 -6.60
C CYS D 247 2.37 -0.10 -7.85
N ASP D 248 1.80 1.09 -7.68
CA ASP D 248 1.17 1.81 -8.79
C ASP D 248 2.24 2.72 -9.38
N PHE D 249 2.06 3.13 -10.62
CA PHE D 249 3.04 3.99 -11.25
C PHE D 249 2.83 5.44 -10.83
N VAL D 250 3.93 6.16 -10.69
CA VAL D 250 3.86 7.58 -10.39
C VAL D 250 4.97 8.17 -11.25
N ARG D 251 4.54 8.71 -12.39
CA ARG D 251 5.38 9.30 -13.43
C ARG D 251 5.83 10.71 -13.05
N SER D 252 7.14 10.89 -12.90
CA SER D 252 7.66 12.18 -12.50
C SER D 252 9.05 12.42 -13.05
N LEU D 253 9.46 13.69 -13.09
CA LEU D 253 10.77 14.03 -13.59
C LEU D 253 11.78 13.81 -12.47
N GLU D 254 11.35 14.05 -11.23
CA GLU D 254 12.23 13.83 -10.09
C GLU D 254 11.46 13.36 -8.85
N PHE D 255 12.19 12.70 -7.96
CA PHE D 255 11.66 12.22 -6.67
C PHE D 255 12.61 12.95 -5.73
N SER D 256 12.16 14.08 -5.19
CA SER D 256 13.02 14.87 -4.32
C SER D 256 12.45 15.17 -2.95
N GLU D 257 13.27 15.81 -2.11
CA GLU D 257 12.85 16.18 -0.77
C GLU D 257 11.93 17.40 -0.85
N SER D 258 12.05 18.15 -1.95
CA SER D 258 11.26 19.36 -2.18
C SER D 258 10.31 19.24 -3.37
N ASN D 259 9.22 19.98 -3.33
CA ASN D 259 8.26 19.96 -4.44
C ASN D 259 8.59 21.05 -5.45
N VAL D 260 9.73 21.70 -5.26
CA VAL D 260 10.18 22.74 -6.16
C VAL D 260 11.20 22.16 -7.11
N LEU D 261 10.90 22.27 -8.40
CA LEU D 261 11.77 21.73 -9.44
C LEU D 261 13.18 22.31 -9.42
N GLY D 262 14.16 21.44 -9.59
CA GLY D 262 15.54 21.87 -9.60
C GLY D 262 16.12 22.47 -8.33
N ALA D 263 15.36 22.49 -7.24
CA ALA D 263 15.85 23.03 -5.97
C ALA D 263 17.29 22.57 -5.75
N ALA D 264 18.21 23.51 -5.71
CA ALA D 264 19.64 23.21 -5.56
C ALA D 264 20.04 22.40 -4.33
N THR D 265 19.42 22.71 -3.20
CA THR D 265 19.74 22.01 -1.96
C THR D 265 18.96 20.72 -1.72
N ALA D 266 17.93 20.47 -2.51
CA ALA D 266 17.13 19.27 -2.33
C ALA D 266 17.86 18.04 -2.85
N MET D 267 17.78 16.95 -2.10
CA MET D 267 18.38 15.71 -2.52
C MET D 267 17.31 15.11 -3.41
N LYS D 268 17.71 14.47 -4.50
CA LYS D 268 16.70 13.91 -5.39
C LYS D 268 17.19 12.88 -6.36
N LEU D 269 16.22 12.13 -6.88
CA LEU D 269 16.48 11.13 -7.89
C LEU D 269 15.97 11.91 -9.09
N LEU D 270 16.78 12.00 -10.14
CA LEU D 270 16.38 12.78 -11.29
C LEU D 270 16.42 12.07 -12.62
N ALA D 271 15.31 12.13 -13.35
CA ALA D 271 15.23 11.53 -14.67
C ALA D 271 16.19 12.34 -15.55
N PRO D 272 16.93 11.65 -16.43
CA PRO D 272 17.88 12.36 -17.29
C PRO D 272 17.21 13.11 -18.43
N GLY D 273 17.95 14.04 -19.02
CA GLY D 273 17.45 14.81 -20.15
C GLY D 273 16.12 15.54 -19.95
N GLY D 274 15.87 15.96 -18.71
CA GLY D 274 14.62 16.67 -18.45
C GLY D 274 13.40 15.82 -18.70
N GLY D 275 13.54 14.50 -18.62
CA GLY D 275 12.41 13.60 -18.83
C GLY D 275 11.83 13.65 -20.23
N THR D 276 12.66 14.10 -21.16
CA THR D 276 12.25 14.22 -22.55
C THR D 276 11.91 12.87 -23.17
N ASP D 277 12.68 11.84 -22.80
CA ASP D 277 12.46 10.50 -23.33
C ASP D 277 12.23 9.48 -22.24
N THR D 278 12.84 9.70 -21.08
CA THR D 278 12.70 8.78 -19.98
C THR D 278 12.45 9.51 -18.67
N THR D 279 11.34 9.17 -18.02
CA THR D 279 10.97 9.78 -16.75
C THR D 279 10.88 8.71 -15.65
N LEU D 280 10.87 9.17 -14.40
CA LEU D 280 10.75 8.26 -13.26
C LEU D 280 9.35 7.60 -13.32
N THR D 281 9.31 6.28 -13.16
CA THR D 281 8.07 5.53 -13.25
C THR D 281 7.38 5.21 -11.91
N GLY D 282 8.17 5.17 -10.84
CA GLY D 282 7.63 4.88 -9.52
C GLY D 282 8.70 4.27 -8.64
N LEU D 283 8.32 3.87 -7.42
CA LEU D 283 9.29 3.26 -6.49
C LEU D 283 8.83 1.90 -5.99
N GLY D 284 9.67 0.88 -6.19
CA GLY D 284 9.35 -0.48 -5.77
C GLY D 284 9.36 -0.84 -4.29
N ASN D 285 9.05 -2.11 -4.02
CA ASN D 285 8.96 -2.65 -2.66
C ASN D 285 10.25 -3.11 -1.99
N VAL D 286 11.37 -3.10 -2.72
CA VAL D 286 12.63 -3.53 -2.13
C VAL D 286 13.46 -2.33 -1.68
N ASN D 287 14.43 -2.57 -0.81
CA ASN D 287 15.27 -1.46 -0.36
C ASN D 287 16.23 -1.04 -1.47
N THR D 288 16.98 0.03 -1.23
CA THR D 288 17.90 0.56 -2.21
C THR D 288 19.35 0.31 -1.88
N LEU D 289 20.11 -0.04 -2.90
CA LEU D 289 21.54 -0.33 -2.76
C LEU D 289 22.38 0.92 -3.00
N VAL D 290 23.30 1.21 -2.09
CA VAL D 290 24.17 2.37 -2.20
C VAL D 290 25.64 1.98 -2.37
N TYR D 291 26.27 2.49 -3.43
CA TYR D 291 27.68 2.20 -3.69
C TYR D 291 28.46 3.49 -3.78
N LYS D 292 29.32 3.76 -2.81
CA LYS D 292 30.13 4.97 -2.81
C LYS D 292 31.56 4.63 -3.24
N ILE D 293 31.97 5.08 -4.41
CA ILE D 293 33.31 4.80 -4.90
C ILE D 293 34.20 6.04 -4.84
N SER D 294 35.25 5.94 -4.03
CA SER D 294 36.20 7.03 -3.84
C SER D 294 37.44 6.89 -4.74
N THR D 295 37.68 7.89 -5.59
CA THR D 295 38.83 7.87 -6.52
C THR D 295 39.71 9.10 -6.36
N PRO D 296 41.00 8.92 -6.11
CA PRO D 296 41.91 10.08 -5.96
C PRO D 296 42.47 10.55 -7.30
N THR D 297 43.04 11.75 -7.34
CA THR D 297 43.63 12.23 -8.60
C THR D 297 44.81 11.30 -8.86
N GLY D 298 44.97 10.90 -10.12
CA GLY D 298 46.07 10.02 -10.46
C GLY D 298 45.72 8.56 -10.57
N ALA D 299 44.57 8.19 -10.02
CA ALA D 299 44.17 6.79 -10.06
C ALA D 299 43.25 6.52 -11.24
N VAL D 300 43.28 5.28 -11.74
CA VAL D 300 42.38 4.92 -12.82
C VAL D 300 41.56 3.72 -12.33
N ASN D 301 40.32 4.04 -11.93
CA ASN D 301 39.36 3.08 -11.42
C ASN D 301 38.29 2.85 -12.46
N THR D 302 38.35 1.70 -13.12
CA THR D 302 37.36 1.37 -14.11
C THR D 302 36.73 0.06 -13.71
N ALA D 303 35.52 -0.20 -14.20
CA ALA D 303 34.87 -1.44 -13.84
C ALA D 303 33.66 -1.66 -14.71
N ILE D 304 33.15 -2.89 -14.65
CA ILE D 304 31.94 -3.19 -15.37
C ILE D 304 30.90 -3.20 -14.25
N LEU D 305 29.78 -2.55 -14.50
CA LEU D 305 28.73 -2.45 -13.51
C LEU D 305 27.53 -3.27 -13.94
N ARG D 306 27.10 -4.19 -13.08
CA ARG D 306 25.95 -5.02 -13.37
C ARG D 306 24.81 -4.72 -12.42
N THR D 307 23.64 -4.47 -12.99
CA THR D 307 22.46 -4.16 -12.23
C THR D 307 21.39 -5.15 -12.64
N TRP D 308 20.91 -5.95 -11.70
CA TRP D 308 19.90 -6.95 -11.98
C TRP D 308 18.58 -6.56 -11.36
N ASN D 309 17.50 -7.06 -11.92
CA ASN D 309 16.18 -6.84 -11.37
C ASN D 309 15.14 -7.74 -12.00
N CYS D 310 14.26 -8.27 -11.16
CA CYS D 310 13.18 -9.12 -11.62
C CYS D 310 11.91 -8.41 -11.22
N ILE D 311 11.09 -8.05 -12.20
CA ILE D 311 9.86 -7.34 -11.92
C ILE D 311 8.62 -8.01 -12.44
N GLU D 312 7.63 -8.16 -11.58
CA GLU D 312 6.37 -8.75 -11.96
C GLU D 312 5.49 -7.55 -12.30
N LEU D 313 4.86 -7.56 -13.48
CA LEU D 313 4.00 -6.46 -13.89
C LEU D 313 2.66 -6.91 -14.45
N GLN D 314 1.61 -6.12 -14.18
CA GLN D 314 0.29 -6.41 -14.72
C GLN D 314 0.31 -5.68 -16.06
N PRO D 315 0.23 -6.45 -17.17
CA PRO D 315 0.28 -5.86 -18.49
C PRO D 315 -0.99 -5.35 -19.15
N TYR D 316 -0.79 -4.41 -20.07
CA TYR D 316 -1.86 -3.85 -20.87
C TYR D 316 -2.10 -5.00 -21.83
N THR D 317 -3.35 -5.31 -22.10
CA THR D 317 -3.69 -6.41 -22.99
C THR D 317 -3.40 -6.16 -24.47
N ASP D 318 -3.04 -4.93 -24.82
CA ASP D 318 -2.80 -4.62 -26.22
C ASP D 318 -1.35 -4.45 -26.66
N SER D 319 -0.40 -4.44 -25.72
CA SER D 319 1.01 -4.27 -26.09
C SER D 319 1.51 -5.45 -26.89
N ALA D 320 2.61 -5.24 -27.61
CA ALA D 320 3.20 -6.31 -28.42
C ALA D 320 3.96 -7.25 -27.49
N LEU D 321 3.99 -6.88 -26.21
CA LEU D 321 4.66 -7.66 -25.20
C LEU D 321 3.71 -8.69 -24.58
N PHE D 322 2.41 -8.41 -24.67
CA PHE D 322 1.41 -9.30 -24.10
C PHE D 322 1.57 -10.76 -24.49
N GLN D 323 2.09 -11.00 -25.70
CA GLN D 323 2.28 -12.37 -26.19
C GLN D 323 3.19 -13.20 -25.30
N PHE D 324 3.88 -12.55 -24.37
CA PHE D 324 4.78 -13.24 -23.47
C PHE D 324 4.22 -13.36 -22.06
N SER D 325 3.08 -12.74 -21.80
CA SER D 325 2.46 -12.80 -20.48
C SER D 325 1.85 -14.18 -20.27
N GLY D 326 1.74 -14.56 -18.99
CA GLY D 326 1.17 -15.85 -18.64
C GLY D 326 0.82 -15.82 -17.17
N VAL D 327 0.56 -16.99 -16.58
CA VAL D 327 0.20 -17.00 -15.17
C VAL D 327 1.45 -17.10 -14.29
N SER D 328 1.46 -16.30 -13.22
CA SER D 328 2.57 -16.24 -12.28
C SER D 328 2.74 -17.56 -11.54
N PRO D 329 3.91 -17.76 -10.91
CA PRO D 329 4.20 -18.99 -10.17
C PRO D 329 3.19 -19.41 -9.11
N PRO D 330 2.99 -20.73 -8.97
CA PRO D 330 2.07 -21.28 -7.99
C PRO D 330 2.59 -21.09 -6.56
N PHE D 331 1.65 -20.95 -5.64
CA PHE D 331 1.91 -20.73 -4.23
C PHE D 331 2.89 -21.71 -3.59
N ASP D 332 3.94 -21.16 -2.98
CA ASP D 332 4.94 -21.96 -2.29
C ASP D 332 5.28 -21.22 -0.99
N PRO D 333 4.47 -21.45 0.05
CA PRO D 333 4.64 -20.82 1.36
C PRO D 333 6.00 -21.07 1.98
N LEU D 334 6.57 -22.23 1.73
CA LEU D 334 7.87 -22.56 2.27
C LEU D 334 8.93 -21.64 1.69
N ALA D 335 8.91 -21.49 0.37
CA ALA D 335 9.87 -20.63 -0.30
C ALA D 335 9.77 -19.21 0.24
N LEU D 336 8.54 -18.74 0.44
CA LEU D 336 8.34 -17.39 0.95
C LEU D 336 8.92 -17.22 2.35
N GLU D 337 8.60 -18.16 3.23
CA GLU D 337 9.11 -18.10 4.60
C GLU D 337 10.64 -18.08 4.55
N CYS D 338 11.21 -18.94 3.72
CA CYS D 338 12.65 -19.03 3.60
C CYS D 338 13.24 -17.71 3.15
N TYR D 339 12.66 -17.14 2.12
CA TYR D 339 13.14 -15.89 1.58
C TYR D 339 13.22 -14.82 2.66
N HIS D 340 12.11 -14.59 3.36
CA HIS D 340 12.07 -13.57 4.39
C HIS D 340 12.99 -13.88 5.54
N ASN D 341 13.27 -15.15 5.73
CA ASN D 341 14.15 -15.54 6.80
C ASN D 341 15.59 -15.23 6.39
N LEU D 342 15.99 -15.70 5.22
CA LEU D 342 17.33 -15.52 4.71
C LEU D 342 17.79 -14.10 4.41
N LYS D 343 16.92 -13.26 3.86
CA LYS D 343 17.31 -11.89 3.49
C LYS D 343 18.16 -11.15 4.53
N MET D 344 17.76 -11.24 5.79
CA MET D 344 18.45 -10.57 6.87
C MET D 344 19.72 -11.30 7.34
N ARG D 345 19.95 -12.51 6.81
CA ARG D 345 21.08 -13.33 7.21
C ARG D 345 22.36 -13.32 6.39
N PHE D 346 22.55 -12.36 5.51
CA PHE D 346 23.79 -12.35 4.74
C PHE D 346 24.45 -11.01 4.89
N PRO D 347 25.78 -10.97 4.68
CA PRO D 347 26.51 -9.71 4.81
C PRO D 347 25.91 -8.60 3.95
N VAL D 348 26.09 -7.36 4.39
CA VAL D 348 25.57 -6.22 3.65
C VAL D 348 26.06 -6.29 2.21
N ALA D 349 27.30 -6.75 2.04
CA ALA D 349 27.90 -6.89 0.73
C ALA D 349 29.13 -7.76 0.86
N VAL D 350 29.62 -8.25 -0.26
CA VAL D 350 30.81 -9.10 -0.27
C VAL D 350 31.68 -8.69 -1.44
N SER D 351 32.94 -9.12 -1.42
CA SER D 351 33.87 -8.82 -2.49
C SER D 351 33.21 -9.30 -3.77
N SER D 352 33.40 -8.59 -4.87
CA SER D 352 32.78 -8.95 -6.14
C SER D 352 33.31 -10.25 -6.70
N ARG D 353 34.51 -10.62 -6.27
CA ARG D 353 35.09 -11.88 -6.72
C ARG D 353 34.62 -13.05 -5.81
N GLU D 354 33.42 -12.89 -5.25
CA GLU D 354 32.75 -13.87 -4.36
C GLU D 354 31.29 -14.08 -4.80
N ASN D 355 30.88 -13.31 -5.82
CA ASN D 355 29.54 -13.31 -6.44
C ASN D 355 28.46 -14.17 -5.79
N SER E 1 31.25 -22.27 -3.72
CA SER E 1 32.03 -21.02 -3.97
C SER E 1 31.14 -19.83 -4.37
N LYS E 2 30.17 -20.08 -5.25
CA LYS E 2 29.28 -19.02 -5.66
C LYS E 2 28.41 -18.66 -4.46
N PHE E 3 27.78 -17.49 -4.50
CA PHE E 3 26.92 -17.04 -3.41
C PHE E 3 25.87 -18.12 -3.10
N TRP E 4 25.33 -18.73 -4.15
CA TRP E 4 24.31 -19.76 -3.99
C TRP E 4 24.74 -20.86 -3.02
N GLU E 5 25.98 -21.31 -3.17
CA GLU E 5 26.51 -22.34 -2.29
C GLU E 5 26.30 -21.88 -0.85
N GLY E 6 26.62 -20.61 -0.60
CA GLY E 6 26.46 -20.03 0.72
C GLY E 6 25.00 -19.99 1.14
N VAL E 7 24.14 -19.57 0.21
CA VAL E 7 22.71 -19.50 0.49
C VAL E 7 22.19 -20.87 0.87
N LEU E 8 22.62 -21.87 0.11
CA LEU E 8 22.22 -23.25 0.34
C LEU E 8 22.56 -23.69 1.75
N ARG E 9 23.76 -23.32 2.19
CA ARG E 9 24.24 -23.65 3.52
C ARG E 9 23.19 -23.25 4.55
N VAL E 10 22.86 -21.97 4.58
CA VAL E 10 21.86 -21.43 5.50
C VAL E 10 20.47 -21.95 5.20
N LEU E 11 20.13 -22.07 3.91
CA LEU E 11 18.82 -22.54 3.49
C LEU E 11 18.48 -23.89 4.12
N ASN E 12 19.51 -24.61 4.53
CA ASN E 12 19.26 -25.92 5.11
C ASN E 12 19.09 -25.90 6.61
N GLN E 13 19.56 -24.83 7.25
CA GLN E 13 19.40 -24.70 8.69
C GLN E 13 17.97 -24.22 8.96
N ILE E 14 17.32 -23.69 7.94
CA ILE E 14 15.95 -23.22 8.05
C ILE E 14 15.02 -24.43 8.03
N SER E 15 14.11 -24.48 9.00
CA SER E 15 13.18 -25.60 9.15
C SER E 15 11.76 -25.43 8.59
N GLY E 16 11.19 -24.24 8.75
CA GLY E 16 9.83 -24.03 8.27
C GLY E 16 8.98 -23.63 9.46
N THR E 17 7.66 -23.57 9.29
CA THR E 17 6.79 -23.16 10.39
C THR E 17 5.44 -23.89 10.47
N LEU E 18 4.99 -24.42 9.33
CA LEU E 18 3.69 -25.11 9.30
C LEU E 18 3.74 -26.53 8.73
N SER E 19 2.68 -27.29 9.03
CA SER E 19 2.51 -28.66 8.57
C SER E 19 1.03 -29.01 8.59
N VAL E 20 0.58 -29.74 7.57
CA VAL E 20 -0.83 -30.13 7.46
C VAL E 20 -0.99 -31.65 7.65
N ILE E 21 -2.24 -32.11 7.69
CA ILE E 21 -2.55 -33.54 7.86
C ILE E 21 -3.73 -33.99 6.99
N PRO E 22 -3.51 -34.82 6.07
N ARG F 45 3.31 -22.23 23.46
CA ARG F 45 3.27 -22.44 21.99
C ARG F 45 3.49 -21.13 21.22
N LEU F 46 3.59 -20.02 21.94
CA LEU F 46 3.80 -18.72 21.34
C LEU F 46 5.26 -18.33 21.49
N THR F 47 5.85 -17.71 20.47
CA THR F 47 7.25 -17.31 20.58
C THR F 47 7.37 -16.20 21.62
N ASP F 48 8.60 -15.94 22.05
CA ASP F 48 8.85 -14.91 23.05
C ASP F 48 8.28 -13.57 22.60
N ALA F 49 8.70 -13.14 21.42
CA ALA F 49 8.27 -11.88 20.84
C ALA F 49 6.77 -11.89 20.57
N GLY F 50 6.26 -13.05 20.17
CA GLY F 50 4.84 -13.17 19.90
C GLY F 50 4.03 -12.83 21.13
N LEU F 51 4.44 -13.38 22.26
CA LEU F 51 3.74 -13.10 23.50
C LEU F 51 3.91 -11.64 23.89
N ALA F 52 5.12 -11.11 23.78
CA ALA F 52 5.40 -9.71 24.11
C ALA F 52 4.54 -8.80 23.22
N PHE F 53 4.40 -9.21 21.97
CA PHE F 53 3.62 -8.49 20.97
C PHE F 53 2.18 -8.36 21.45
N LEU F 54 1.63 -9.44 21.96
CA LEU F 54 0.26 -9.46 22.46
C LEU F 54 0.13 -8.59 23.71
N LYS F 55 1.13 -8.66 24.58
CA LYS F 55 1.13 -7.88 25.81
C LYS F 55 1.07 -6.39 25.50
N CYS F 56 1.99 -5.95 24.64
CA CYS F 56 2.08 -4.56 24.24
C CYS F 56 0.79 -4.09 23.59
N ALA F 57 0.25 -4.91 22.70
CA ALA F 57 -0.98 -4.59 22.00
C ALA F 57 -2.18 -4.37 22.91
N PHE F 58 -2.46 -5.32 23.79
CA PHE F 58 -3.64 -5.21 24.65
C PHE F 58 -3.51 -4.72 26.09
N ALA F 59 -2.43 -5.08 26.79
CA ALA F 59 -2.29 -4.69 28.19
C ALA F 59 -1.15 -3.75 28.53
N ALA F 60 -0.87 -2.80 27.66
CA ALA F 60 0.22 -1.84 27.87
C ALA F 60 0.44 -1.32 29.31
N PRO F 61 -0.66 -0.91 30.00
CA PRO F 61 -0.53 -0.39 31.37
C PRO F 61 -0.13 -1.38 32.47
N ASP F 62 -0.24 -2.66 32.19
CA ASP F 62 0.09 -3.68 33.19
C ASP F 62 1.56 -3.88 33.50
N PHE F 63 2.45 -3.49 32.60
CA PHE F 63 3.87 -3.71 32.80
C PHE F 63 4.74 -2.53 33.18
N SER F 64 5.80 -2.82 33.92
CA SER F 64 6.73 -1.80 34.36
C SER F 64 7.61 -1.41 33.18
N VAL F 65 8.26 -2.40 32.56
CA VAL F 65 9.11 -2.16 31.40
C VAL F 65 8.31 -2.67 30.19
N ASP F 66 8.20 -1.89 29.13
CA ASP F 66 7.42 -2.37 28.00
C ASP F 66 8.02 -3.57 27.29
N PRO F 67 7.25 -4.67 27.21
CA PRO F 67 7.68 -5.92 26.56
C PRO F 67 7.68 -5.89 25.04
N GLY F 68 6.91 -4.99 24.44
CA GLY F 68 6.84 -4.90 22.99
C GLY F 68 8.16 -5.00 22.23
N LYS F 69 8.15 -5.76 21.14
CA LYS F 69 9.34 -5.94 20.31
C LYS F 69 9.01 -5.69 18.83
N GLY F 70 7.73 -5.49 18.54
CA GLY F 70 7.33 -5.26 17.17
C GLY F 70 6.42 -6.37 16.68
N ILE F 71 6.01 -6.28 15.42
CA ILE F 71 5.13 -7.29 14.84
C ILE F 71 5.92 -8.49 14.34
N PRO F 72 5.58 -9.69 14.85
CA PRO F 72 6.20 -10.97 14.51
C PRO F 72 5.70 -11.59 13.22
N ASP F 73 5.71 -10.81 12.15
CA ASP F 73 5.28 -11.34 10.86
C ASP F 73 6.51 -11.59 9.98
N ASN F 74 6.29 -11.67 8.68
CA ASN F 74 7.39 -11.96 7.77
C ASN F 74 8.27 -10.77 7.38
N PHE F 75 8.08 -9.63 8.02
CA PHE F 75 8.90 -8.46 7.69
C PHE F 75 10.38 -8.77 7.90
N HIS F 76 10.71 -9.26 9.09
CA HIS F 76 12.08 -9.65 9.41
C HIS F 76 13.12 -8.70 8.82
N GLY F 77 13.02 -7.41 9.16
CA GLY F 77 13.95 -6.45 8.61
C GLY F 77 14.44 -5.40 9.58
N ARG F 78 15.19 -4.42 9.05
CA ARG F 78 15.73 -3.34 9.87
C ARG F 78 14.62 -2.40 10.28
N THR F 79 14.32 -2.40 11.58
CA THR F 79 13.28 -1.53 12.12
C THR F 79 13.74 -0.86 13.41
N LEU F 80 13.01 0.18 13.78
CA LEU F 80 13.27 0.87 15.02
C LEU F 80 11.87 1.01 15.60
N ALA F 81 11.62 0.32 16.71
CA ALA F 81 10.32 0.36 17.33
C ALA F 81 10.24 1.49 18.33
N ILE F 82 9.58 2.56 17.91
CA ILE F 82 9.40 3.73 18.75
C ILE F 82 8.27 3.42 19.72
N LYS F 83 8.53 3.67 20.98
CA LYS F 83 7.53 3.43 22.01
C LYS F 83 7.18 4.78 22.63
N ASP F 84 6.18 5.46 22.07
CA ASP F 84 5.79 6.76 22.60
C ASP F 84 4.83 6.55 23.76
N CYS F 85 5.15 7.18 24.89
CA CYS F 85 4.34 7.04 26.08
C CYS F 85 4.53 8.19 27.07
N ASN F 86 3.47 8.95 27.34
CA ASN F 86 3.55 10.05 28.28
C ASN F 86 2.32 10.15 29.16
N THR F 87 2.35 11.07 30.10
CA THR F 87 1.24 11.27 31.04
C THR F 87 1.02 12.76 31.31
N THR F 88 -0.21 13.24 31.14
CA THR F 88 -0.54 14.65 31.43
C THR F 88 -1.80 14.69 32.24
N SER F 89 -2.21 15.90 32.58
CA SER F 89 -3.42 16.10 33.32
C SER F 89 -4.32 16.94 32.45
N VAL F 90 -5.60 16.59 32.42
CA VAL F 90 -6.57 17.35 31.65
C VAL F 90 -7.65 17.86 32.61
N VAL F 91 -8.16 19.04 32.32
CA VAL F 91 -9.19 19.66 33.12
C VAL F 91 -10.36 19.88 32.15
N PHE F 92 -11.54 19.41 32.53
CA PHE F 92 -12.69 19.56 31.64
C PHE F 92 -13.55 20.78 31.94
N THR F 93 -13.82 21.58 30.92
CA THR F 93 -14.62 22.78 31.07
C THR F 93 -16.05 22.49 31.49
N PRO F 94 -16.50 23.14 32.58
CA PRO F 94 -17.87 22.92 33.03
C PRO F 94 -18.86 23.27 31.93
N ASN F 95 -19.92 22.46 31.85
CA ASN F 95 -20.94 22.66 30.85
C ASN F 95 -20.42 22.53 29.42
N THR F 96 -19.75 21.41 29.14
CA THR F 96 -19.22 21.15 27.81
C THR F 96 -19.03 19.65 27.61
N ASP F 97 -19.03 19.27 26.35
CA ASP F 97 -18.79 17.90 25.96
C ASP F 97 -17.39 17.99 25.38
N THR F 98 -16.44 17.31 26.02
CA THR F 98 -15.06 17.33 25.56
C THR F 98 -14.70 16.03 24.86
N TYR F 99 -13.97 16.16 23.75
CA TYR F 99 -13.56 15.00 22.97
C TYR F 99 -12.05 14.82 22.91
N ILE F 100 -11.59 13.65 23.33
CA ILE F 100 -10.18 13.33 23.28
C ILE F 100 -10.12 12.22 22.24
N VAL F 101 -9.55 12.54 21.09
CA VAL F 101 -9.44 11.58 20.01
C VAL F 101 -8.01 11.09 19.88
N VAL F 102 -7.82 9.79 20.03
CA VAL F 102 -6.50 9.19 19.92
C VAL F 102 -6.40 8.51 18.55
N ALA F 103 -5.84 9.23 17.58
CA ALA F 103 -5.71 8.70 16.23
C ALA F 103 -4.25 8.35 15.93
N PRO F 104 -4.04 7.36 15.05
CA PRO F 104 -2.68 6.93 14.69
C PRO F 104 -1.89 7.92 13.82
N VAL F 105 -1.66 9.12 14.35
CA VAL F 105 -0.88 10.11 13.63
C VAL F 105 0.46 10.16 14.34
N PRO F 106 1.49 9.56 13.74
CA PRO F 106 2.82 9.54 14.35
C PRO F 106 3.26 10.89 14.91
N GLY F 107 3.68 10.91 16.17
CA GLY F 107 4.13 12.14 16.78
C GLY F 107 3.07 12.86 17.58
N PHE F 108 1.83 12.40 17.49
CA PHE F 108 0.76 13.04 18.24
C PHE F 108 0.11 12.16 19.29
N ALA F 109 0.05 12.69 20.50
CA ALA F 109 -0.54 11.98 21.62
C ALA F 109 -2.05 11.82 21.44
N TYR F 110 -2.71 12.93 21.07
CA TYR F 110 -4.16 12.92 20.85
C TYR F 110 -4.65 14.28 20.33
N PHE F 111 -5.91 14.32 19.93
CA PHE F 111 -6.52 15.53 19.41
C PHE F 111 -7.70 15.87 20.30
N ARG F 112 -7.86 17.16 20.60
CA ARG F 112 -8.94 17.58 21.47
C ARG F 112 -9.86 18.61 20.87
N ALA F 113 -11.10 18.59 21.34
CA ALA F 113 -12.14 19.49 20.91
C ALA F 113 -13.10 19.62 22.09
N GLU F 114 -13.62 20.82 22.28
CA GLU F 114 -14.55 21.10 23.36
C GLU F 114 -15.75 21.78 22.74
N VAL F 115 -16.94 21.43 23.19
CA VAL F 115 -18.14 21.97 22.59
C VAL F 115 -19.26 22.05 23.63
N ALA F 116 -20.33 22.78 23.34
CA ALA F 116 -21.44 22.88 24.28
C ALA F 116 -22.04 21.49 24.45
N VAL F 117 -22.51 21.18 25.64
CA VAL F 117 -23.09 19.86 25.86
C VAL F 117 -24.17 19.56 24.83
N GLY F 118 -23.98 18.50 24.05
CA GLY F 118 -24.98 18.14 23.05
C GLY F 118 -24.64 18.64 21.67
N ALA F 119 -23.72 19.60 21.58
CA ALA F 119 -23.29 20.17 20.31
C ALA F 119 -22.40 19.23 19.49
N GLN F 120 -22.14 19.63 18.24
CA GLN F 120 -21.30 18.84 17.35
C GLN F 120 -19.89 19.39 17.21
N PRO F 121 -18.89 18.60 17.62
CA PRO F 121 -17.48 19.04 17.51
C PRO F 121 -17.08 19.14 16.04
N THR F 122 -16.11 19.99 15.74
CA THR F 122 -15.68 20.14 14.35
C THR F 122 -14.18 19.99 14.18
N THR F 123 -13.44 20.77 14.96
CA THR F 123 -11.99 20.73 14.85
C THR F 123 -11.31 20.20 16.09
N PHE F 124 -10.51 19.16 15.88
CA PHE F 124 -9.77 18.52 16.95
C PHE F 124 -8.31 18.90 16.76
N VAL F 125 -7.78 19.63 17.74
CA VAL F 125 -6.40 20.08 17.67
C VAL F 125 -5.45 19.11 18.37
N GLY F 126 -4.38 18.77 17.68
CA GLY F 126 -3.42 17.84 18.21
C GLY F 126 -2.47 18.32 19.29
N VAL F 127 -2.14 17.39 20.18
CA VAL F 127 -1.21 17.59 21.27
C VAL F 127 -0.09 16.63 20.87
N PRO F 128 1.08 17.16 20.48
CA PRO F 128 2.19 16.30 20.08
C PRO F 128 2.94 15.66 21.22
N TYR F 129 3.65 14.59 20.91
CA TYR F 129 4.46 13.93 21.92
C TYR F 129 5.71 14.81 22.01
N PRO F 130 6.24 14.99 23.23
CA PRO F 130 7.45 15.81 23.38
C PRO F 130 8.61 15.30 22.53
N THR F 131 8.50 14.06 22.08
CA THR F 131 9.53 13.42 21.28
C THR F 131 9.50 13.76 19.80
N TYR F 132 8.39 14.34 19.35
CA TYR F 132 8.21 14.68 17.94
C TYR F 132 9.45 15.23 17.25
N ALA F 133 9.98 16.32 17.79
CA ALA F 133 11.15 16.99 17.24
C ALA F 133 12.29 16.04 16.89
N THR F 134 12.61 15.12 17.80
CA THR F 134 13.69 14.17 17.57
C THR F 134 13.37 13.17 16.48
N ASN F 135 12.10 12.78 16.38
CA ASN F 135 11.70 11.80 15.40
C ASN F 135 11.42 12.35 14.01
N PHE F 136 10.68 13.45 13.96
CA PHE F 136 10.29 14.01 12.68
C PHE F 136 10.83 15.37 12.30
N GLY F 137 11.77 15.87 13.09
CA GLY F 137 12.37 17.16 12.78
C GLY F 137 11.67 18.35 13.40
N ALA F 138 12.32 19.51 13.30
CA ALA F 138 11.78 20.75 13.84
C ALA F 138 11.93 21.91 12.86
N GLY F 139 11.48 23.09 13.29
CA GLY F 139 11.58 24.24 12.42
C GLY F 139 10.48 24.19 11.38
N SER F 140 10.53 25.13 10.44
CA SER F 140 9.54 25.20 9.38
C SER F 140 9.51 23.93 8.54
N GLN F 141 10.61 23.21 8.52
CA GLN F 141 10.70 22.00 7.72
C GLN F 141 10.17 20.75 8.42
N ASN F 142 9.82 20.89 9.70
CA ASN F 142 9.33 19.77 10.51
C ASN F 142 8.39 18.84 9.76
N GLY F 143 8.72 17.55 9.81
CA GLY F 143 7.90 16.55 9.15
C GLY F 143 8.32 16.18 7.73
N LEU F 144 9.04 17.07 7.05
CA LEU F 144 9.43 16.77 5.68
C LEU F 144 10.65 15.85 5.56
N PRO F 145 10.81 15.22 4.37
CA PRO F 145 11.91 14.29 4.08
C PRO F 145 13.30 14.74 4.51
N ALA F 146 13.51 16.05 4.51
CA ALA F 146 14.81 16.57 4.88
C ALA F 146 15.13 16.39 6.36
N VAL F 147 14.11 16.48 7.21
CA VAL F 147 14.33 16.35 8.64
C VAL F 147 13.73 15.12 9.29
N ASN F 148 12.84 14.44 8.58
CA ASN F 148 12.22 13.22 9.10
C ASN F 148 13.29 12.14 9.21
N ASN F 149 13.27 11.36 10.28
CA ASN F 149 14.26 10.30 10.46
C ASN F 149 13.76 8.93 10.03
N TYR F 150 12.56 8.87 9.44
CA TYR F 150 12.00 7.60 9.00
C TYR F 150 11.38 7.73 7.62
N SER F 151 11.15 6.59 6.97
CA SER F 151 10.58 6.61 5.63
C SER F 151 9.31 5.77 5.50
N LYS F 152 8.95 5.08 6.56
CA LYS F 152 7.76 4.24 6.55
C LYS F 152 7.43 3.88 7.98
N PHE F 153 6.14 3.64 8.26
CA PHE F 153 5.74 3.31 9.61
C PHE F 153 4.49 2.45 9.62
N ARG F 154 4.27 1.78 10.74
CA ARG F 154 3.11 0.94 10.93
C ARG F 154 2.94 0.80 12.44
N TYR F 155 1.70 0.86 12.91
CA TYR F 155 1.42 0.77 14.34
C TYR F 155 1.30 -0.66 14.82
N ALA F 156 2.05 -1.00 15.85
CA ALA F 156 2.00 -2.34 16.41
C ALA F 156 1.03 -2.32 17.59
N SER F 157 0.79 -1.13 18.13
CA SER F 157 -0.14 -0.97 19.25
C SER F 157 -0.40 0.50 19.55
N MET F 158 -1.54 0.77 20.18
CA MET F 158 -1.93 2.11 20.58
C MET F 158 -3.05 1.98 21.60
N ALA F 159 -2.89 2.62 22.75
CA ALA F 159 -3.90 2.55 23.80
C ALA F 159 -3.93 3.83 24.62
N CYS F 160 -4.99 3.99 25.39
CA CYS F 160 -5.12 5.18 26.20
C CYS F 160 -5.93 4.92 27.46
N GLY F 161 -5.50 5.55 28.55
CA GLY F 161 -6.18 5.39 29.81
C GLY F 161 -6.54 6.74 30.40
N LEU F 162 -7.78 6.87 30.84
CA LEU F 162 -8.25 8.10 31.45
C LEU F 162 -8.49 7.80 32.92
N TYR F 163 -7.66 8.40 33.78
CA TYR F 163 -7.75 8.20 35.22
C TYR F 163 -8.26 9.43 35.95
N PRO F 164 -9.58 9.47 36.22
CA PRO F 164 -10.17 10.62 36.92
C PRO F 164 -9.44 10.96 38.20
N THR F 165 -9.26 12.26 38.45
CA THR F 165 -8.58 12.71 39.66
C THR F 165 -9.43 13.66 40.50
N SER F 166 -10.73 13.77 40.20
CA SER F 166 -11.60 14.64 41.00
C SER F 166 -11.99 13.87 42.25
N ASN F 167 -12.57 14.55 43.23
CA ASN F 167 -13.01 13.86 44.43
C ASN F 167 -14.39 13.28 44.11
N MET F 168 -14.88 12.35 44.91
CA MET F 168 -16.18 11.72 44.64
C MET F 168 -17.41 12.61 44.83
N MET F 169 -17.21 13.78 45.45
CA MET F 169 -18.32 14.67 45.74
C MET F 169 -18.54 15.85 44.81
N GLN F 170 -17.50 16.26 44.09
CA GLN F 170 -17.58 17.42 43.21
C GLN F 170 -17.66 17.18 41.72
N PHE F 171 -17.20 16.02 41.27
CA PHE F 171 -17.24 15.69 39.86
C PHE F 171 -18.70 15.43 39.51
N SER F 172 -18.93 15.22 38.22
CA SER F 172 -20.25 14.86 37.72
C SER F 172 -20.16 14.73 36.24
N GLY F 173 -20.92 13.80 35.68
CA GLY F 173 -20.86 13.63 34.25
C GLY F 173 -20.56 12.21 33.83
N SER F 174 -20.08 12.06 32.60
CA SER F 174 -19.83 10.75 32.06
C SER F 174 -18.61 10.63 31.15
N VAL F 175 -18.24 9.39 30.88
CA VAL F 175 -17.16 9.06 29.99
C VAL F 175 -17.77 8.09 29.01
N GLN F 176 -17.43 8.25 27.74
CA GLN F 176 -17.94 7.36 26.74
C GLN F 176 -16.80 7.13 25.79
N VAL F 177 -16.65 5.89 25.37
CA VAL F 177 -15.57 5.56 24.49
C VAL F 177 -16.08 4.71 23.34
N TRP F 178 -15.45 4.89 22.19
CA TRP F 178 -15.79 4.09 21.03
C TRP F 178 -14.70 4.28 19.97
N ARG F 179 -14.70 3.42 18.97
CA ARG F 179 -13.69 3.50 17.93
C ARG F 179 -14.28 3.85 16.58
N VAL F 180 -13.54 4.65 15.82
CA VAL F 180 -13.96 5.04 14.49
C VAL F 180 -12.84 4.63 13.55
N ASP F 181 -13.20 4.21 12.34
CA ASP F 181 -12.21 3.81 11.35
C ASP F 181 -11.82 5.00 10.51
N LEU F 182 -10.83 5.75 10.98
CA LEU F 182 -10.36 6.92 10.24
C LEU F 182 -9.40 6.48 9.16
N ASN F 183 -9.64 6.94 7.94
CA ASN F 183 -8.79 6.61 6.81
C ASN F 183 -8.62 7.85 5.94
N LEU F 184 -7.41 8.04 5.43
CA LEU F 184 -7.16 9.17 4.56
C LEU F 184 -7.82 8.86 3.23
N SER F 185 -8.11 9.89 2.46
CA SER F 185 -8.73 9.68 1.16
C SER F 185 -8.32 10.83 0.24
N GLU F 186 -8.79 10.77 -1.00
CA GLU F 186 -8.43 11.81 -1.95
C GLU F 186 -9.61 12.32 -2.74
N ALA F 187 -9.47 13.54 -3.24
CA ALA F 187 -10.47 14.17 -4.07
C ALA F 187 -9.66 14.80 -5.20
N VAL F 188 -10.13 14.66 -6.42
CA VAL F 188 -9.43 15.25 -7.56
C VAL F 188 -10.16 16.53 -7.90
N ASN F 189 -9.42 17.63 -7.94
CA ASN F 189 -9.99 18.94 -8.23
C ASN F 189 -9.08 19.76 -9.13
N PRO F 190 -9.63 20.81 -9.77
CA PRO F 190 -8.80 21.63 -10.64
C PRO F 190 -7.92 22.64 -9.90
N ALA F 191 -6.81 22.96 -10.53
CA ALA F 191 -5.85 23.93 -10.00
C ALA F 191 -5.24 24.66 -11.21
N VAL F 192 -4.77 25.89 -10.99
CA VAL F 192 -4.20 26.67 -12.08
C VAL F 192 -2.84 26.18 -12.57
N THR F 193 -2.76 25.96 -13.87
CA THR F 193 -1.57 25.47 -14.53
C THR F 193 -0.77 26.63 -15.12
N ALA F 194 -1.50 27.65 -15.58
CA ALA F 194 -0.92 28.85 -16.18
C ALA F 194 -1.89 29.99 -15.91
N ILE F 195 -1.38 31.17 -15.57
CA ILE F 195 -2.23 32.32 -15.29
C ILE F 195 -2.61 33.09 -16.56
N THR F 196 -2.22 32.53 -17.69
CA THR F 196 -2.47 33.12 -19.00
C THR F 196 -2.96 32.06 -19.98
N PRO F 197 -4.03 32.34 -20.73
CA PRO F 197 -4.78 33.61 -20.67
C PRO F 197 -5.92 33.52 -19.67
N ALA F 198 -6.18 34.62 -18.97
CA ALA F 198 -7.25 34.66 -17.98
C ALA F 198 -8.53 34.00 -18.52
N PRO F 199 -9.32 33.35 -17.64
CA PRO F 199 -9.10 33.22 -16.19
C PRO F 199 -8.05 32.16 -15.82
N GLY F 200 -7.23 31.78 -16.79
CA GLY F 200 -6.19 30.79 -16.53
C GLY F 200 -6.43 29.42 -17.11
N VAL F 201 -5.38 28.60 -17.11
CA VAL F 201 -5.42 27.23 -17.61
C VAL F 201 -5.47 26.29 -16.41
N PHE F 202 -6.27 25.25 -16.51
CA PHE F 202 -6.43 24.31 -15.40
C PHE F 202 -6.13 22.86 -15.71
N ALA F 203 -5.95 22.08 -14.65
CA ALA F 203 -5.70 20.65 -14.72
C ALA F 203 -6.20 20.09 -13.41
N ASN F 204 -6.49 18.80 -13.39
CA ASN F 204 -6.99 18.19 -12.18
C ASN F 204 -5.91 17.51 -11.36
N PHE F 205 -5.73 18.00 -10.14
CA PHE F 205 -4.74 17.46 -9.23
C PHE F 205 -5.44 16.82 -8.04
N VAL F 206 -4.72 16.04 -7.25
CA VAL F 206 -5.34 15.40 -6.11
C VAL F 206 -5.06 16.15 -4.82
N ASP F 207 -6.09 16.24 -3.99
CA ASP F 207 -5.96 16.87 -2.69
C ASP F 207 -6.25 15.76 -1.67
N LYS F 208 -5.78 15.94 -0.44
CA LYS F 208 -5.96 14.93 0.59
C LYS F 208 -7.12 15.24 1.53
N ARG F 209 -7.84 14.21 1.94
CA ARG F 209 -8.97 14.37 2.86
C ARG F 209 -8.93 13.23 3.85
N ILE F 210 -9.90 13.20 4.75
CA ILE F 210 -9.97 12.15 5.73
C ILE F 210 -11.42 11.74 5.96
N ASN F 211 -11.67 10.44 5.92
CA ASN F 211 -13.01 9.90 6.12
C ASN F 211 -13.19 9.30 7.49
N GLY F 212 -14.38 9.46 8.05
CA GLY F 212 -14.67 8.89 9.35
C GLY F 212 -14.95 9.86 10.48
N LEU F 213 -14.39 11.07 10.38
CA LEU F 213 -14.58 12.07 11.42
C LEU F 213 -16.02 12.33 11.83
N ARG F 214 -16.93 12.28 10.86
CA ARG F 214 -18.35 12.52 11.13
C ARG F 214 -18.92 11.60 12.21
N GLY F 215 -18.24 10.49 12.46
CA GLY F 215 -18.70 9.54 13.47
C GLY F 215 -18.41 10.02 14.89
N ILE F 216 -17.70 11.12 15.01
CA ILE F 216 -17.38 11.69 16.32
C ILE F 216 -18.45 12.73 16.62
N ARG F 217 -19.47 12.30 17.33
CA ARG F 217 -20.60 13.17 17.67
C ARG F 217 -21.04 12.84 19.08
N PRO F 218 -21.96 13.65 19.63
CA PRO F 218 -22.46 13.41 20.99
C PRO F 218 -23.25 12.09 21.13
N LEU F 219 -23.84 11.62 20.05
CA LEU F 219 -24.61 10.37 20.10
C LEU F 219 -23.73 9.16 19.84
N ALA F 220 -23.37 8.44 20.91
CA ALA F 220 -22.50 7.27 20.81
C ALA F 220 -23.09 6.11 20.00
N PRO F 221 -22.29 5.55 19.07
CA PRO F 221 -22.68 4.43 18.21
C PRO F 221 -22.93 3.14 18.99
N ARG F 222 -23.54 2.16 18.33
CA ARG F 222 -23.85 0.87 18.97
C ARG F 222 -22.71 0.29 19.81
N ASP F 223 -21.52 0.18 19.22
CA ASP F 223 -20.35 -0.37 19.91
C ASP F 223 -19.65 0.69 20.74
N ASN F 224 -19.97 0.78 22.02
CA ASN F 224 -19.34 1.79 22.85
C ASN F 224 -19.28 1.39 24.32
N TYR F 225 -18.59 2.22 25.09
CA TYR F 225 -18.51 2.02 26.52
C TYR F 225 -19.07 3.31 27.10
N SER F 226 -20.04 3.18 27.99
CA SER F 226 -20.64 4.36 28.61
C SER F 226 -20.61 4.19 30.12
N GLY F 227 -19.99 5.12 30.82
CA GLY F 227 -19.93 4.99 32.25
C GLY F 227 -19.87 6.29 33.03
N ASN F 228 -19.92 6.15 34.35
CA ASN F 228 -19.84 7.30 35.23
C ASN F 228 -18.45 7.91 35.06
N PHE F 229 -18.38 9.23 34.91
CA PHE F 229 -17.08 9.86 34.71
C PHE F 229 -16.01 9.39 35.69
N ILE F 230 -16.31 9.46 36.98
CA ILE F 230 -15.37 9.09 38.02
C ILE F 230 -14.74 7.70 37.88
N ASP F 231 -15.37 6.81 37.12
CA ASP F 231 -14.83 5.46 36.94
C ASP F 231 -13.75 5.38 35.87
N GLY F 232 -13.52 6.48 35.17
CA GLY F 232 -12.50 6.50 34.14
C GLY F 232 -12.75 5.51 33.02
N ALA F 233 -11.74 5.30 32.18
CA ALA F 233 -11.87 4.38 31.07
C ALA F 233 -10.53 4.08 30.42
N TYR F 234 -10.38 2.84 29.95
CA TYR F 234 -9.18 2.41 29.28
C TYR F 234 -9.53 1.51 28.11
N THR F 235 -8.72 1.58 27.06
CA THR F 235 -8.90 0.72 25.92
C THR F 235 -7.74 0.79 24.94
N PHE F 236 -7.71 -0.16 24.02
CA PHE F 236 -6.66 -0.25 23.02
C PHE F 236 -7.30 -0.11 21.64
N ALA F 237 -6.49 0.31 20.67
CA ALA F 237 -6.94 0.43 19.29
C ALA F 237 -6.42 -0.86 18.65
N PHE F 238 -6.86 -1.19 17.45
CA PHE F 238 -6.33 -2.40 16.82
C PHE F 238 -6.32 -2.32 15.31
N ASP F 239 -5.48 -3.15 14.70
CA ASP F 239 -5.30 -3.18 13.26
C ASP F 239 -6.59 -3.25 12.44
N LYS F 240 -6.73 -2.28 11.53
CA LYS F 240 -7.88 -2.21 10.66
C LYS F 240 -7.49 -2.47 9.19
N SER F 241 -6.20 -2.70 8.94
CA SER F 241 -5.76 -3.08 7.58
C SER F 241 -5.86 -4.59 7.76
N THR F 242 -5.36 -5.41 6.86
CA THR F 242 -5.55 -6.84 7.17
C THR F 242 -4.29 -7.53 7.70
N ASP F 243 -3.17 -6.87 7.49
CA ASP F 243 -1.88 -7.43 7.83
C ASP F 243 -0.93 -6.42 8.44
N PHE F 244 -1.43 -5.46 9.21
CA PHE F 244 -0.52 -4.46 9.76
C PHE F 244 0.23 -3.88 8.58
N GLU F 245 -0.51 -3.27 7.67
CA GLU F 245 0.06 -2.69 6.47
C GLU F 245 0.96 -1.49 6.75
N TRP F 246 2.06 -1.41 6.01
CA TRP F 246 3.00 -0.32 6.16
C TRP F 246 2.41 0.96 5.58
N CYS F 247 2.67 2.08 6.24
CA CYS F 247 2.16 3.36 5.79
C CYS F 247 3.27 4.32 5.40
N ASP F 248 2.96 5.15 4.41
CA ASP F 248 3.88 6.16 3.92
C ASP F 248 3.52 7.45 4.63
N PHE F 249 4.47 8.37 4.73
CA PHE F 249 4.20 9.63 5.40
C PHE F 249 3.47 10.57 4.47
N VAL F 250 2.61 11.41 5.06
CA VAL F 250 1.89 12.44 4.31
C VAL F 250 1.81 13.59 5.31
N ARG F 251 2.76 14.52 5.13
CA ARG F 251 2.94 15.71 5.96
C ARG F 251 1.93 16.79 5.61
N SER F 252 1.10 17.14 6.58
CA SER F 252 0.09 18.15 6.35
C SER F 252 -0.26 18.93 7.61
N LEU F 253 -0.85 20.11 7.42
CA LEU F 253 -1.24 20.94 8.55
C LEU F 253 -2.57 20.43 9.10
N GLU F 254 -3.39 19.87 8.22
CA GLU F 254 -4.66 19.31 8.66
C GLU F 254 -5.08 18.13 7.81
N PHE F 255 -5.97 17.32 8.36
CA PHE F 255 -6.55 16.16 7.68
C PHE F 255 -8.02 16.49 7.85
N SER F 256 -8.63 17.11 6.84
CA SER F 256 -10.02 17.52 6.93
C SER F 256 -10.96 17.03 5.83
N GLU F 257 -12.23 17.34 5.99
CA GLU F 257 -13.25 16.95 5.03
C GLU F 257 -13.13 17.82 3.78
N SER F 258 -12.56 19.02 3.94
CA SER F 258 -12.38 19.96 2.85
C SER F 258 -10.91 20.21 2.52
N ASN F 259 -10.62 20.64 1.29
CA ASN F 259 -9.24 20.91 0.91
C ASN F 259 -8.95 22.40 1.07
N VAL F 260 -9.88 23.10 1.69
CA VAL F 260 -9.73 24.52 1.93
C VAL F 260 -9.29 24.76 3.37
N LEU F 261 -8.06 25.22 3.53
CA LEU F 261 -7.50 25.47 4.84
C LEU F 261 -8.40 26.31 5.71
N GLY F 262 -8.51 25.93 6.97
CA GLY F 262 -9.31 26.67 7.92
C GLY F 262 -10.82 26.62 7.78
N ALA F 263 -11.34 25.96 6.76
CA ALA F 263 -12.79 25.86 6.57
C ALA F 263 -13.49 25.63 7.90
N ALA F 264 -14.18 26.66 8.40
CA ALA F 264 -14.86 26.62 9.69
C ALA F 264 -15.81 25.45 9.96
N THR F 265 -16.57 25.03 8.96
CA THR F 265 -17.51 23.94 9.15
C THR F 265 -17.03 22.57 8.69
N ALA F 266 -15.76 22.48 8.29
CA ALA F 266 -15.22 21.20 7.85
C ALA F 266 -14.67 20.51 9.09
N MET F 267 -15.05 19.25 9.28
CA MET F 267 -14.53 18.50 10.42
C MET F 267 -13.06 18.21 10.12
N LYS F 268 -12.20 18.29 11.12
CA LYS F 268 -10.79 18.05 10.83
C LYS F 268 -9.86 17.81 12.01
N LEU F 269 -8.73 17.18 11.69
CA LEU F 269 -7.67 16.94 12.66
C LEU F 269 -6.72 18.05 12.31
N LEU F 270 -6.32 18.85 13.30
CA LEU F 270 -5.46 19.97 13.00
C LEU F 270 -4.20 20.09 13.85
N ALA F 271 -3.06 20.23 13.17
CA ALA F 271 -1.78 20.39 13.86
C ALA F 271 -1.83 21.75 14.57
N PRO F 272 -1.31 21.82 15.81
CA PRO F 272 -1.31 23.06 16.57
C PRO F 272 -0.34 24.10 16.03
N GLY F 273 -0.54 25.34 16.47
CA GLY F 273 0.33 26.43 16.06
C GLY F 273 0.59 26.54 14.57
N GLY F 274 -0.45 26.31 13.77
CA GLY F 274 -0.29 26.40 12.33
C GLY F 274 0.83 25.56 11.76
N GLY F 275 1.21 24.49 12.45
CA GLY F 275 2.26 23.61 11.96
C GLY F 275 3.64 24.25 11.91
N THR F 276 3.82 25.28 12.72
CA THR F 276 5.10 25.98 12.78
C THR F 276 6.21 25.05 13.23
N ASP F 277 5.90 24.18 14.19
CA ASP F 277 6.87 23.25 14.75
C ASP F 277 6.48 21.78 14.63
N THR F 278 5.17 21.51 14.62
CA THR F 278 4.70 20.14 14.49
C THR F 278 3.54 20.06 13.53
N THR F 279 3.67 19.19 12.53
CA THR F 279 2.62 19.00 11.55
C THR F 279 2.18 17.53 11.54
N LEU F 280 0.98 17.28 11.01
CA LEU F 280 0.48 15.92 10.91
C LEU F 280 1.43 15.12 10.02
N THR F 281 1.81 13.93 10.45
CA THR F 281 2.76 13.09 9.71
C THR F 281 2.12 12.02 8.83
N GLY F 282 0.92 11.59 9.20
CA GLY F 282 0.25 10.57 8.42
C GLY F 282 -0.81 9.88 9.26
N LEU F 283 -1.41 8.83 8.71
CA LEU F 283 -2.43 8.09 9.43
C LEU F 283 -2.13 6.59 9.40
N GLY F 284 -2.02 6.00 10.58
CA GLY F 284 -1.69 4.59 10.70
C GLY F 284 -2.73 3.53 10.34
N ASN F 285 -2.35 2.27 10.57
CA ASN F 285 -3.17 1.10 10.25
C ASN F 285 -4.17 0.65 11.32
N VAL F 286 -4.19 1.32 12.47
CA VAL F 286 -5.13 0.93 13.52
C VAL F 286 -6.30 1.89 13.53
N ASN F 287 -7.40 1.50 14.18
CA ASN F 287 -8.55 2.39 14.26
C ASN F 287 -8.29 3.51 15.26
N THR F 288 -9.21 4.45 15.34
CA THR F 288 -9.06 5.59 16.22
C THR F 288 -9.94 5.51 17.45
N LEU F 289 -9.38 5.93 18.58
CA LEU F 289 -10.09 5.90 19.86
C LEU F 289 -10.78 7.24 20.14
N VAL F 290 -12.05 7.17 20.54
CA VAL F 290 -12.81 8.38 20.85
C VAL F 290 -13.28 8.39 22.30
N TYR F 291 -12.82 9.40 23.04
CA TYR F 291 -13.19 9.56 24.44
C TYR F 291 -14.04 10.81 24.58
N LYS F 292 -15.30 10.65 24.96
CA LYS F 292 -16.21 11.77 25.13
C LYS F 292 -16.56 11.99 26.59
N ILE F 293 -16.21 13.16 27.12
CA ILE F 293 -16.49 13.47 28.52
C ILE F 293 -17.50 14.61 28.66
N SER F 294 -18.65 14.30 29.23
CA SER F 294 -19.67 15.31 29.42
C SER F 294 -19.59 15.87 30.84
N THR F 295 -19.31 17.16 30.93
CA THR F 295 -19.16 17.86 32.20
C THR F 295 -20.26 18.89 32.38
N PRO F 296 -21.20 18.64 33.30
CA PRO F 296 -22.29 19.60 33.52
C PRO F 296 -21.79 20.87 34.20
N THR F 297 -22.67 21.87 34.28
CA THR F 297 -22.33 23.13 34.92
C THR F 297 -22.00 22.84 36.38
N GLY F 298 -20.98 23.53 36.90
CA GLY F 298 -20.61 23.34 38.29
C GLY F 298 -19.82 22.09 38.61
N ALA F 299 -19.74 21.15 37.66
CA ALA F 299 -19.00 19.92 37.90
C ALA F 299 -17.50 20.18 37.86
N VAL F 300 -16.75 19.50 38.72
CA VAL F 300 -15.30 19.67 38.75
C VAL F 300 -14.65 18.35 38.31
N ASN F 301 -14.39 18.26 37.00
CA ASN F 301 -13.81 17.06 36.39
C ASN F 301 -12.35 17.19 35.92
N THR F 302 -11.48 16.34 36.46
CA THR F 302 -10.07 16.31 36.07
C THR F 302 -9.66 14.87 35.95
N ALA F 303 -8.60 14.62 35.19
CA ALA F 303 -8.14 13.27 35.03
C ALA F 303 -6.71 13.24 34.56
N ILE F 304 -6.06 12.13 34.84
CA ILE F 304 -4.70 11.93 34.39
C ILE F 304 -4.94 11.22 33.07
N LEU F 305 -4.23 11.64 32.03
CA LEU F 305 -4.39 11.01 30.74
C LEU F 305 -3.07 10.37 30.38
N ARG F 306 -3.10 9.07 30.14
CA ARG F 306 -1.90 8.34 29.79
C ARG F 306 -2.13 7.66 28.47
N THR F 307 -1.18 7.79 27.56
CA THR F 307 -1.29 7.15 26.25
C THR F 307 -0.02 6.40 25.94
N TRP F 308 -0.18 5.29 25.24
CA TRP F 308 0.93 4.45 24.84
C TRP F 308 0.73 4.10 23.38
N ASN F 309 1.82 3.68 22.75
CA ASN F 309 1.79 3.18 21.39
C ASN F 309 3.16 2.75 20.91
N CYS F 310 3.17 1.60 20.25
CA CYS F 310 4.39 1.03 19.72
C CYS F 310 4.32 1.13 18.19
N ILE F 311 5.31 1.78 17.60
CA ILE F 311 5.35 1.95 16.15
C ILE F 311 6.62 1.43 15.51
N GLU F 312 6.46 0.55 14.52
CA GLU F 312 7.61 0.00 13.81
C GLU F 312 7.90 1.01 12.69
N LEU F 313 9.14 1.46 12.59
CA LEU F 313 9.51 2.42 11.54
C LEU F 313 10.75 1.98 10.78
N GLN F 314 10.79 2.33 9.50
CA GLN F 314 11.95 2.02 8.66
C GLN F 314 12.80 3.27 8.85
N PRO F 315 13.94 3.14 9.55
CA PRO F 315 14.85 4.25 9.84
C PRO F 315 15.78 4.75 8.77
N TYR F 316 16.07 6.05 8.85
CA TYR F 316 17.03 6.65 7.95
C TYR F 316 18.33 6.10 8.50
N THR F 317 19.24 5.80 7.61
CA THR F 317 20.51 5.24 7.97
C THR F 317 21.42 6.15 8.83
N ASP F 318 21.23 7.45 8.72
CA ASP F 318 22.10 8.41 9.39
C ASP F 318 21.75 9.07 10.72
N SER F 319 20.58 8.83 11.28
CA SER F 319 20.25 9.49 12.54
C SER F 319 20.84 8.82 13.77
N ALA F 320 20.84 9.55 14.89
CA ALA F 320 21.34 9.03 16.14
C ALA F 320 20.49 7.85 16.59
N LEU F 321 19.25 7.83 16.12
CA LEU F 321 18.31 6.78 16.48
C LEU F 321 18.63 5.45 15.81
N PHE F 322 19.24 5.50 14.64
CA PHE F 322 19.57 4.28 13.93
C PHE F 322 20.36 3.33 14.82
N GLN F 323 21.21 3.91 15.65
CA GLN F 323 22.03 3.14 16.57
C GLN F 323 21.21 2.13 17.36
N PHE F 324 19.97 2.50 17.68
CA PHE F 324 19.09 1.62 18.44
C PHE F 324 18.14 0.77 17.62
N SER F 325 18.42 0.64 16.34
CA SER F 325 17.56 -0.18 15.48
C SER F 325 18.10 -1.60 15.47
N GLY F 326 17.33 -2.49 14.86
CA GLY F 326 17.74 -3.89 14.80
C GLY F 326 16.83 -4.68 13.89
N VAL F 327 16.86 -5.99 14.04
CA VAL F 327 16.05 -6.87 13.20
C VAL F 327 14.64 -7.10 13.76
N SER F 328 13.66 -7.01 12.88
CA SER F 328 12.26 -7.25 13.22
C SER F 328 12.21 -8.63 13.88
N PRO F 329 11.24 -8.87 14.79
CA PRO F 329 11.15 -10.18 15.44
C PRO F 329 10.88 -11.34 14.48
N PRO F 330 11.24 -12.57 14.89
CA PRO F 330 11.00 -13.73 14.04
C PRO F 330 9.52 -14.05 13.87
N PHE F 331 9.20 -14.61 12.71
CA PHE F 331 7.86 -14.99 12.31
C PHE F 331 7.14 -15.89 13.32
N ASP F 332 5.95 -15.46 13.73
CA ASP F 332 5.13 -16.20 14.68
C ASP F 332 3.68 -16.07 14.22
N PRO F 333 3.31 -16.87 13.20
CA PRO F 333 1.96 -16.86 12.63
C PRO F 333 0.87 -17.10 13.66
N LEU F 334 1.19 -17.83 14.72
CA LEU F 334 0.23 -18.13 15.76
C LEU F 334 -0.12 -16.85 16.52
N ALA F 335 0.91 -16.11 16.91
CA ALA F 335 0.70 -14.87 17.64
C ALA F 335 -0.13 -13.92 16.79
N LEU F 336 0.12 -13.91 15.48
CA LEU F 336 -0.63 -13.04 14.59
C LEU F 336 -2.08 -13.46 14.56
N GLU F 337 -2.32 -14.73 14.28
CA GLU F 337 -3.68 -15.24 14.24
C GLU F 337 -4.42 -14.97 15.55
N CYS F 338 -3.70 -15.09 16.66
CA CYS F 338 -4.26 -14.87 17.98
C CYS F 338 -4.69 -13.45 18.18
N TYR F 339 -3.84 -12.53 17.75
CA TYR F 339 -4.11 -11.12 17.88
C TYR F 339 -5.39 -10.76 17.14
N HIS F 340 -5.46 -11.15 15.88
CA HIS F 340 -6.62 -10.86 15.06
C HIS F 340 -7.88 -11.51 15.56
N ASN F 341 -7.73 -12.61 16.29
CA ASN F 341 -8.89 -13.26 16.86
C ASN F 341 -9.31 -12.47 18.08
N LEU F 342 -8.37 -12.34 19.01
CA LEU F 342 -8.56 -11.62 20.27
C LEU F 342 -9.11 -10.21 20.16
N LYS F 343 -8.66 -9.45 19.16
CA LYS F 343 -9.09 -8.05 19.03
C LYS F 343 -10.60 -7.84 19.07
N MET F 344 -11.38 -8.85 18.76
CA MET F 344 -12.83 -8.73 18.77
C MET F 344 -13.50 -9.12 20.09
N ARG F 345 -12.77 -9.82 20.94
CA ARG F 345 -13.31 -10.35 22.18
C ARG F 345 -13.32 -9.54 23.46
N PHE F 346 -13.09 -8.24 23.39
CA PHE F 346 -13.10 -7.44 24.61
C PHE F 346 -14.11 -6.32 24.53
N PRO F 347 -14.58 -5.84 25.69
CA PRO F 347 -15.56 -4.74 25.69
C PRO F 347 -14.89 -3.57 24.98
N VAL F 348 -15.67 -2.69 24.37
CA VAL F 348 -15.09 -1.55 23.66
C VAL F 348 -14.12 -0.78 24.57
N ALA F 349 -14.41 -0.74 25.87
CA ALA F 349 -13.54 -0.07 26.83
C ALA F 349 -13.91 -0.59 28.20
N VAL F 350 -13.07 -0.30 29.19
CA VAL F 350 -13.33 -0.75 30.55
C VAL F 350 -12.99 0.37 31.51
N SER F 351 -13.57 0.33 32.71
CA SER F 351 -13.29 1.38 33.67
C SER F 351 -11.80 1.35 33.99
N SER F 352 -11.26 2.49 34.43
CA SER F 352 -9.85 2.58 34.75
C SER F 352 -9.46 1.84 36.02
N ARG F 353 -10.44 1.46 36.83
CA ARG F 353 -10.15 0.73 38.08
C ARG F 353 -9.83 -0.73 37.76
N GLU F 354 -9.50 -1.02 36.51
CA GLU F 354 -9.18 -2.39 36.05
C GLU F 354 -8.56 -2.44 34.64
N ASN F 355 -7.53 -1.62 34.40
CA ASN F 355 -6.85 -1.56 33.10
C ASN F 355 -5.95 -2.76 32.78
N SER G 1 -1.76 -4.23 36.34
CA SER G 1 -3.20 -4.47 36.65
C SER G 1 -3.69 -5.87 36.24
N LYS G 2 -4.96 -5.96 35.86
CA LYS G 2 -5.54 -7.24 35.49
C LYS G 2 -5.98 -7.41 34.05
N PHE G 3 -5.59 -6.51 33.16
CA PHE G 3 -6.02 -6.67 31.77
C PHE G 3 -5.34 -7.85 31.10
N TRP G 4 -4.07 -8.06 31.41
CA TRP G 4 -3.35 -9.16 30.82
C TRP G 4 -4.00 -10.49 31.24
N GLU G 5 -4.46 -10.56 32.48
CA GLU G 5 -5.12 -11.77 32.98
C GLU G 5 -6.32 -12.03 32.10
N GLY G 6 -7.06 -10.97 31.81
CA GLY G 6 -8.24 -11.09 30.97
C GLY G 6 -7.86 -11.62 29.59
N VAL G 7 -6.76 -11.09 29.05
CA VAL G 7 -6.28 -11.54 27.74
C VAL G 7 -5.95 -13.03 27.81
N LEU G 8 -5.23 -13.40 28.86
CA LEU G 8 -4.84 -14.79 29.08
C LEU G 8 -6.08 -15.68 29.17
N ARG G 9 -7.09 -15.19 29.88
CA ARG G 9 -8.34 -15.91 30.04
C ARG G 9 -9.00 -16.16 28.69
N VAL G 10 -9.20 -15.08 27.93
CA VAL G 10 -9.82 -15.19 26.61
C VAL G 10 -8.96 -16.05 25.70
N LEU G 11 -7.65 -15.95 25.86
CA LEU G 11 -6.72 -16.73 25.06
C LEU G 11 -7.02 -18.22 25.17
N ASN G 12 -7.35 -18.67 26.38
CA ASN G 12 -7.64 -20.09 26.60
C ASN G 12 -8.95 -20.45 25.94
N GLN G 13 -9.96 -19.60 26.13
CA GLN G 13 -11.26 -19.84 25.55
C GLN G 13 -11.23 -20.01 24.02
N ILE G 14 -10.44 -19.20 23.34
CA ILE G 14 -10.35 -19.28 21.88
C ILE G 14 -9.33 -20.32 21.40
N SER G 15 -8.75 -21.06 22.34
CA SER G 15 -7.73 -22.07 22.03
C SER G 15 -8.11 -23.12 20.97
N GLY G 16 -9.32 -23.68 21.09
CA GLY G 16 -9.74 -24.68 20.12
C GLY G 16 -10.19 -24.09 18.80
N THR G 17 -10.40 -22.78 18.77
CA THR G 17 -10.87 -22.07 17.58
C THR G 17 -9.82 -21.96 16.46
N LEU G 18 -8.61 -21.55 16.84
CA LEU G 18 -7.52 -21.36 15.89
C LEU G 18 -7.36 -22.41 14.79
N SER G 19 -6.89 -21.95 13.64
CA SER G 19 -6.67 -22.79 12.46
C SER G 19 -5.49 -23.73 12.64
N VAL G 20 -4.84 -23.63 13.78
CA VAL G 20 -3.69 -24.47 14.10
C VAL G 20 -4.03 -25.39 15.27
N ILE G 21 -3.81 -26.70 15.07
CA ILE G 21 -4.09 -27.72 16.10
C ILE G 21 -3.06 -27.75 17.24
N PRO G 22 -1.86 -27.51 16.98
CA CA H . -0.93 -6.35 2.17
S SO4 I . -0.70 -10.91 3.55
O1 SO4 I . -1.10 -12.28 3.93
O2 SO4 I . -0.63 -10.82 2.08
O3 SO4 I . -1.71 -9.94 4.03
O4 SO4 I . 0.61 -10.58 4.13
#